data_3VTN
# 
_entry.id   3VTN 
# 
_audit_conform.dict_name       mmcif_pdbx.dic 
_audit_conform.dict_version    5.388 
_audit_conform.dict_location   http://mmcif.pdb.org/dictionaries/ascii/mmcif_pdbx.dic 
# 
loop_
_database_2.database_id 
_database_2.database_code 
_database_2.pdbx_database_accession 
_database_2.pdbx_DOI 
PDB   3VTN         pdb_00003vtn 10.2210/pdb3vtn/pdb 
RCSB  RCSB095485   ?            ?                   
WWPDB D_1000095485 ?            ?                   
# 
loop_
_pdbx_audit_revision_history.ordinal 
_pdbx_audit_revision_history.data_content_type 
_pdbx_audit_revision_history.major_revision 
_pdbx_audit_revision_history.minor_revision 
_pdbx_audit_revision_history.revision_date 
1 'Structure model' 1 0 2013-02-06 
2 'Structure model' 1 1 2024-03-20 
# 
_pdbx_audit_revision_details.ordinal             1 
_pdbx_audit_revision_details.revision_ordinal    1 
_pdbx_audit_revision_details.data_content_type   'Structure model' 
_pdbx_audit_revision_details.provider            repository 
_pdbx_audit_revision_details.type                'Initial release' 
_pdbx_audit_revision_details.description         ? 
_pdbx_audit_revision_details.details             ? 
# 
loop_
_pdbx_audit_revision_group.ordinal 
_pdbx_audit_revision_group.revision_ordinal 
_pdbx_audit_revision_group.data_content_type 
_pdbx_audit_revision_group.group 
1 2 'Structure model' 'Data collection'      
2 2 'Structure model' 'Database references'  
3 2 'Structure model' 'Derived calculations' 
# 
loop_
_pdbx_audit_revision_category.ordinal 
_pdbx_audit_revision_category.revision_ordinal 
_pdbx_audit_revision_category.data_content_type 
_pdbx_audit_revision_category.category 
1 2 'Structure model' chem_comp_atom     
2 2 'Structure model' chem_comp_bond     
3 2 'Structure model' database_2         
4 2 'Structure model' struct_ref_seq_dif 
5 2 'Structure model' struct_site        
# 
loop_
_pdbx_audit_revision_item.ordinal 
_pdbx_audit_revision_item.revision_ordinal 
_pdbx_audit_revision_item.data_content_type 
_pdbx_audit_revision_item.item 
1 2 'Structure model' '_database_2.pdbx_DOI'                
2 2 'Structure model' '_database_2.pdbx_database_accession' 
3 2 'Structure model' '_struct_ref_seq_dif.details'         
4 2 'Structure model' '_struct_site.pdbx_auth_asym_id'      
5 2 'Structure model' '_struct_site.pdbx_auth_comp_id'      
6 2 'Structure model' '_struct_site.pdbx_auth_seq_id'       
# 
_pdbx_database_status.status_code                     REL 
_pdbx_database_status.entry_id                        3VTN 
_pdbx_database_status.recvd_initial_deposition_date   2012-06-01 
_pdbx_database_status.deposit_site                    PDBJ 
_pdbx_database_status.process_site                    PDBJ 
_pdbx_database_status.methods_development_category    ? 
_pdbx_database_status.status_code_sf                  REL 
_pdbx_database_status.status_code_mr                  ? 
_pdbx_database_status.SG_entry                        ? 
_pdbx_database_status.status_code_cs                  ? 
_pdbx_database_status.pdb_format_compatible           Y 
_pdbx_database_status.status_code_nmr_data            ? 
# 
_pdbx_database_related.db_name        PDB 
_pdbx_database_related.db_id          3VTO 
_pdbx_database_related.details        . 
_pdbx_database_related.content_type   unspecified 
# 
loop_
_audit_author.name 
_audit_author.pdbx_ordinal 
'Harada, K.'    1 
'Yamashita, E.' 2 
'Nakagawa, A.'  3 
'Takeda, S.'    4 
# 
_citation.id                        primary 
_citation.title                     
'Crystal structure of the C-terminal domain of Mu phage central spike and functions of bound calcium ion' 
_citation.journal_abbrev            Biochim.Biophys.Acta 
_citation.journal_volume            1834 
_citation.page_first                284 
_citation.page_last                 291 
_citation.year                      2013 
_citation.journal_id_ASTM           BBACAQ 
_citation.country                   NE 
_citation.journal_id_ISSN           0006-3002 
_citation.journal_id_CSD            0113 
_citation.book_publisher            ? 
_citation.pdbx_database_id_PubMed   22922659 
_citation.pdbx_database_id_DOI      10.1016/j.bbapap.2012.08.015 
# 
loop_
_citation_author.citation_id 
_citation_author.name 
_citation_author.ordinal 
_citation_author.identifier_ORCID 
primary 'Harada, K.'    1 ? 
primary 'Yamashita, E.' 2 ? 
primary 'Nakagawa, A.'  3 ? 
primary 'Miyafusa, T.'  4 ? 
primary 'Tsumoto, K.'   5 ? 
primary 'Ueno, T.'      6 ? 
primary 'Toyama, Y.'    7 ? 
primary 'Takeda, S.'    8 ? 
# 
loop_
_entity.id 
_entity.type 
_entity.src_method 
_entity.pdbx_description 
_entity.formula_weight 
_entity.pdbx_number_of_molecules 
_entity.pdbx_ec 
_entity.pdbx_mutation 
_entity.pdbx_fragment 
_entity.details 
1 polymer     man 'Protein gp45'      10912.162 1  ? ? 'UNP residues 100-197' ? 
2 non-polymer syn 'PLATINUM (II) ION' 195.078   1  ? ? ?                      ? 
3 non-polymer syn 'FE (III) ION'      55.845    1  ? ? ?                      ? 
4 water       nat water               18.015    11 ? ? ?                      ? 
# 
_entity_poly.entity_id                      1 
_entity_poly.type                           'polypeptide(L)' 
_entity_poly.nstd_linkage                   no 
_entity_poly.nstd_monomer                   no 
_entity_poly.pdbx_seq_one_letter_code       
;GHMEPGDAGIYHHEGHRIRLTKDGRCIITCKTVEVYADESMTVDTPRTTFTGDVEIQKGLGVKGKSQFDSNITAPDAIIN
GKSTDKHIHRGDSGGTTGPMQ
;
_entity_poly.pdbx_seq_one_letter_code_can   
;GHMEPGDAGIYHHEGHRIRLTKDGRCIITCKTVEVYADESMTVDTPRTTFTGDVEIQKGLGVKGKSQFDSNITAPDAIIN
GKSTDKHIHRGDSGGTTGPMQ
;
_entity_poly.pdbx_strand_id                 A 
_entity_poly.pdbx_target_identifier         ? 
# 
loop_
_pdbx_entity_nonpoly.entity_id 
_pdbx_entity_nonpoly.name 
_pdbx_entity_nonpoly.comp_id 
2 'PLATINUM (II) ION' PT  
3 'FE (III) ION'      FE  
4 water               HOH 
# 
loop_
_entity_poly_seq.entity_id 
_entity_poly_seq.num 
_entity_poly_seq.mon_id 
_entity_poly_seq.hetero 
1 1   GLY n 
1 2   HIS n 
1 3   MET n 
1 4   GLU n 
1 5   PRO n 
1 6   GLY n 
1 7   ASP n 
1 8   ALA n 
1 9   GLY n 
1 10  ILE n 
1 11  TYR n 
1 12  HIS n 
1 13  HIS n 
1 14  GLU n 
1 15  GLY n 
1 16  HIS n 
1 17  ARG n 
1 18  ILE n 
1 19  ARG n 
1 20  LEU n 
1 21  THR n 
1 22  LYS n 
1 23  ASP n 
1 24  GLY n 
1 25  ARG n 
1 26  CYS n 
1 27  ILE n 
1 28  ILE n 
1 29  THR n 
1 30  CYS n 
1 31  LYS n 
1 32  THR n 
1 33  VAL n 
1 34  GLU n 
1 35  VAL n 
1 36  TYR n 
1 37  ALA n 
1 38  ASP n 
1 39  GLU n 
1 40  SER n 
1 41  MET n 
1 42  THR n 
1 43  VAL n 
1 44  ASP n 
1 45  THR n 
1 46  PRO n 
1 47  ARG n 
1 48  THR n 
1 49  THR n 
1 50  PHE n 
1 51  THR n 
1 52  GLY n 
1 53  ASP n 
1 54  VAL n 
1 55  GLU n 
1 56  ILE n 
1 57  GLN n 
1 58  LYS n 
1 59  GLY n 
1 60  LEU n 
1 61  GLY n 
1 62  VAL n 
1 63  LYS n 
1 64  GLY n 
1 65  LYS n 
1 66  SER n 
1 67  GLN n 
1 68  PHE n 
1 69  ASP n 
1 70  SER n 
1 71  ASN n 
1 72  ILE n 
1 73  THR n 
1 74  ALA n 
1 75  PRO n 
1 76  ASP n 
1 77  ALA n 
1 78  ILE n 
1 79  ILE n 
1 80  ASN n 
1 81  GLY n 
1 82  LYS n 
1 83  SER n 
1 84  THR n 
1 85  ASP n 
1 86  LYS n 
1 87  HIS n 
1 88  ILE n 
1 89  HIS n 
1 90  ARG n 
1 91  GLY n 
1 92  ASP n 
1 93  SER n 
1 94  GLY n 
1 95  GLY n 
1 96  THR n 
1 97  THR n 
1 98  GLY n 
1 99  PRO n 
1 100 MET n 
1 101 GLN n 
# 
_entity_src_gen.entity_id                          1 
_entity_src_gen.pdbx_src_id                        1 
_entity_src_gen.pdbx_alt_source_flag               sample 
_entity_src_gen.pdbx_seq_type                      ? 
_entity_src_gen.pdbx_beg_seq_num                   ? 
_entity_src_gen.pdbx_end_seq_num                   ? 
_entity_src_gen.gene_src_common_name               ? 
_entity_src_gen.gene_src_genus                     ? 
_entity_src_gen.pdbx_gene_src_gene                 45 
_entity_src_gen.gene_src_species                   ? 
_entity_src_gen.gene_src_strain                    ? 
_entity_src_gen.gene_src_tissue                    ? 
_entity_src_gen.gene_src_tissue_fraction           ? 
_entity_src_gen.gene_src_details                   ? 
_entity_src_gen.pdbx_gene_src_fragment             ? 
_entity_src_gen.pdbx_gene_src_scientific_name      'Enterobacteria phage Mu' 
_entity_src_gen.pdbx_gene_src_ncbi_taxonomy_id     10677 
_entity_src_gen.pdbx_gene_src_variant              ? 
_entity_src_gen.pdbx_gene_src_cell_line            ? 
_entity_src_gen.pdbx_gene_src_atcc                 ? 
_entity_src_gen.pdbx_gene_src_organ                ? 
_entity_src_gen.pdbx_gene_src_organelle            ? 
_entity_src_gen.pdbx_gene_src_cell                 ? 
_entity_src_gen.pdbx_gene_src_cellular_location    ? 
_entity_src_gen.host_org_common_name               ? 
_entity_src_gen.pdbx_host_org_scientific_name      'Escherichia coli' 
_entity_src_gen.pdbx_host_org_ncbi_taxonomy_id     562 
_entity_src_gen.host_org_genus                     ? 
_entity_src_gen.pdbx_host_org_gene                 ? 
_entity_src_gen.pdbx_host_org_organ                ? 
_entity_src_gen.host_org_species                   ? 
_entity_src_gen.pdbx_host_org_tissue               ? 
_entity_src_gen.pdbx_host_org_tissue_fraction      ? 
_entity_src_gen.pdbx_host_org_strain               ? 
_entity_src_gen.pdbx_host_org_variant              ? 
_entity_src_gen.pdbx_host_org_cell_line            ? 
_entity_src_gen.pdbx_host_org_atcc                 ? 
_entity_src_gen.pdbx_host_org_culture_collection   ? 
_entity_src_gen.pdbx_host_org_cell                 ? 
_entity_src_gen.pdbx_host_org_organelle            ? 
_entity_src_gen.pdbx_host_org_cellular_location    ? 
_entity_src_gen.pdbx_host_org_vector_type          plasmid 
_entity_src_gen.pdbx_host_org_vector               ? 
_entity_src_gen.host_org_details                   ? 
_entity_src_gen.expression_system_id               ? 
_entity_src_gen.plasmid_name                       ? 
_entity_src_gen.plasmid_details                    ? 
_entity_src_gen.pdbx_description                   ? 
# 
loop_
_chem_comp.id 
_chem_comp.type 
_chem_comp.mon_nstd_flag 
_chem_comp.name 
_chem_comp.pdbx_synonyms 
_chem_comp.formula 
_chem_comp.formula_weight 
ALA 'L-peptide linking' y ALANINE             ? 'C3 H7 N O2'     89.093  
ARG 'L-peptide linking' y ARGININE            ? 'C6 H15 N4 O2 1' 175.209 
ASN 'L-peptide linking' y ASPARAGINE          ? 'C4 H8 N2 O3'    132.118 
ASP 'L-peptide linking' y 'ASPARTIC ACID'     ? 'C4 H7 N O4'     133.103 
CYS 'L-peptide linking' y CYSTEINE            ? 'C3 H7 N O2 S'   121.158 
FE  non-polymer         . 'FE (III) ION'      ? 'Fe 3'           55.845  
GLN 'L-peptide linking' y GLUTAMINE           ? 'C5 H10 N2 O3'   146.144 
GLU 'L-peptide linking' y 'GLUTAMIC ACID'     ? 'C5 H9 N O4'     147.129 
GLY 'peptide linking'   y GLYCINE             ? 'C2 H5 N O2'     75.067  
HIS 'L-peptide linking' y HISTIDINE           ? 'C6 H10 N3 O2 1' 156.162 
HOH non-polymer         . WATER               ? 'H2 O'           18.015  
ILE 'L-peptide linking' y ISOLEUCINE          ? 'C6 H13 N O2'    131.173 
LEU 'L-peptide linking' y LEUCINE             ? 'C6 H13 N O2'    131.173 
LYS 'L-peptide linking' y LYSINE              ? 'C6 H15 N2 O2 1' 147.195 
MET 'L-peptide linking' y METHIONINE          ? 'C5 H11 N O2 S'  149.211 
PHE 'L-peptide linking' y PHENYLALANINE       ? 'C9 H11 N O2'    165.189 
PRO 'L-peptide linking' y PROLINE             ? 'C5 H9 N O2'     115.130 
PT  non-polymer         . 'PLATINUM (II) ION' ? 'Pt 2'           195.078 
SER 'L-peptide linking' y SERINE              ? 'C3 H7 N O3'     105.093 
THR 'L-peptide linking' y THREONINE           ? 'C4 H9 N O3'     119.119 
TYR 'L-peptide linking' y TYROSINE            ? 'C9 H11 N O3'    181.189 
VAL 'L-peptide linking' y VALINE              ? 'C5 H11 N O2'    117.146 
# 
loop_
_pdbx_poly_seq_scheme.asym_id 
_pdbx_poly_seq_scheme.entity_id 
_pdbx_poly_seq_scheme.seq_id 
_pdbx_poly_seq_scheme.mon_id 
_pdbx_poly_seq_scheme.ndb_seq_num 
_pdbx_poly_seq_scheme.pdb_seq_num 
_pdbx_poly_seq_scheme.auth_seq_num 
_pdbx_poly_seq_scheme.pdb_mon_id 
_pdbx_poly_seq_scheme.auth_mon_id 
_pdbx_poly_seq_scheme.pdb_strand_id 
_pdbx_poly_seq_scheme.pdb_ins_code 
_pdbx_poly_seq_scheme.hetero 
A 1 1   GLY 1   97  ?   ?   ?   A . n 
A 1 2   HIS 2   98  ?   ?   ?   A . n 
A 1 3   MET 3   99  ?   ?   ?   A . n 
A 1 4   GLU 4   100 ?   ?   ?   A . n 
A 1 5   PRO 5   101 ?   ?   ?   A . n 
A 1 6   GLY 6   102 ?   ?   ?   A . n 
A 1 7   ASP 7   103 ?   ?   ?   A . n 
A 1 8   ALA 8   104 ?   ?   ?   A . n 
A 1 9   GLY 9   105 ?   ?   ?   A . n 
A 1 10  ILE 10  106 ?   ?   ?   A . n 
A 1 11  TYR 11  107 ?   ?   ?   A . n 
A 1 12  HIS 12  108 ?   ?   ?   A . n 
A 1 13  HIS 13  109 ?   ?   ?   A . n 
A 1 14  GLU 14  110 ?   ?   ?   A . n 
A 1 15  GLY 15  111 ?   ?   ?   A . n 
A 1 16  HIS 16  112 ?   ?   ?   A . n 
A 1 17  ARG 17  113 113 ARG ARG A . n 
A 1 18  ILE 18  114 114 ILE ILE A . n 
A 1 19  ARG 19  115 115 ARG ARG A . n 
A 1 20  LEU 20  116 116 LEU LEU A . n 
A 1 21  THR 21  117 117 THR THR A . n 
A 1 22  LYS 22  118 118 LYS LYS A . n 
A 1 23  ASP 23  119 119 ASP ASP A . n 
A 1 24  GLY 24  120 120 GLY GLY A . n 
A 1 25  ARG 25  121 121 ARG ARG A . n 
A 1 26  CYS 26  122 122 CYS CYS A . n 
A 1 27  ILE 27  123 123 ILE ILE A . n 
A 1 28  ILE 28  124 124 ILE ILE A . n 
A 1 29  THR 29  125 125 THR THR A . n 
A 1 30  CYS 30  126 126 CYS CYS A . n 
A 1 31  LYS 31  127 127 LYS LYS A . n 
A 1 32  THR 32  128 128 THR THR A . n 
A 1 33  VAL 33  129 129 VAL VAL A . n 
A 1 34  GLU 34  130 130 GLU GLU A . n 
A 1 35  VAL 35  131 131 VAL VAL A . n 
A 1 36  TYR 36  132 132 TYR TYR A . n 
A 1 37  ALA 37  133 133 ALA ALA A . n 
A 1 38  ASP 38  134 134 ASP ASP A . n 
A 1 39  GLU 39  135 135 GLU GLU A . n 
A 1 40  SER 40  136 136 SER SER A . n 
A 1 41  MET 41  137 137 MET MET A . n 
A 1 42  THR 42  138 138 THR THR A . n 
A 1 43  VAL 43  139 139 VAL VAL A . n 
A 1 44  ASP 44  140 140 ASP ASP A . n 
A 1 45  THR 45  141 141 THR THR A . n 
A 1 46  PRO 46  142 142 PRO PRO A . n 
A 1 47  ARG 47  143 143 ARG ARG A . n 
A 1 48  THR 48  144 144 THR THR A . n 
A 1 49  THR 49  145 145 THR THR A . n 
A 1 50  PHE 50  146 146 PHE PHE A . n 
A 1 51  THR 51  147 147 THR THR A . n 
A 1 52  GLY 52  148 148 GLY GLY A . n 
A 1 53  ASP 53  149 149 ASP ASP A . n 
A 1 54  VAL 54  150 150 VAL VAL A . n 
A 1 55  GLU 55  151 151 GLU GLU A . n 
A 1 56  ILE 56  152 152 ILE ILE A . n 
A 1 57  GLN 57  153 153 GLN GLN A . n 
A 1 58  LYS 58  154 154 LYS LYS A . n 
A 1 59  GLY 59  155 155 GLY GLY A . n 
A 1 60  LEU 60  156 156 LEU LEU A . n 
A 1 61  GLY 61  157 157 GLY GLY A . n 
A 1 62  VAL 62  158 158 VAL VAL A . n 
A 1 63  LYS 63  159 159 LYS LYS A . n 
A 1 64  GLY 64  160 160 GLY GLY A . n 
A 1 65  LYS 65  161 161 LYS LYS A . n 
A 1 66  SER 66  162 162 SER SER A . n 
A 1 67  GLN 67  163 163 GLN GLN A . n 
A 1 68  PHE 68  164 164 PHE PHE A . n 
A 1 69  ASP 69  165 165 ASP ASP A . n 
A 1 70  SER 70  166 166 SER SER A . n 
A 1 71  ASN 71  167 167 ASN ASN A . n 
A 1 72  ILE 72  168 168 ILE ILE A . n 
A 1 73  THR 73  169 169 THR THR A . n 
A 1 74  ALA 74  170 170 ALA ALA A . n 
A 1 75  PRO 75  171 171 PRO PRO A . n 
A 1 76  ASP 76  172 172 ASP ASP A . n 
A 1 77  ALA 77  173 173 ALA ALA A . n 
A 1 78  ILE 78  174 174 ILE ILE A . n 
A 1 79  ILE 79  175 175 ILE ILE A . n 
A 1 80  ASN 80  176 176 ASN ASN A . n 
A 1 81  GLY 81  177 177 GLY GLY A . n 
A 1 82  LYS 82  178 178 LYS LYS A . n 
A 1 83  SER 83  179 179 SER SER A . n 
A 1 84  THR 84  180 180 THR THR A . n 
A 1 85  ASP 85  181 181 ASP ASP A . n 
A 1 86  LYS 86  182 182 LYS LYS A . n 
A 1 87  HIS 87  183 183 HIS HIS A . n 
A 1 88  ILE 88  184 ?   ?   ?   A . n 
A 1 89  HIS 89  185 ?   ?   ?   A . n 
A 1 90  ARG 90  186 ?   ?   ?   A . n 
A 1 91  GLY 91  187 ?   ?   ?   A . n 
A 1 92  ASP 92  188 ?   ?   ?   A . n 
A 1 93  SER 93  189 ?   ?   ?   A . n 
A 1 94  GLY 94  190 ?   ?   ?   A . n 
A 1 95  GLY 95  191 ?   ?   ?   A . n 
A 1 96  THR 96  192 ?   ?   ?   A . n 
A 1 97  THR 97  193 ?   ?   ?   A . n 
A 1 98  GLY 98  194 ?   ?   ?   A . n 
A 1 99  PRO 99  195 ?   ?   ?   A . n 
A 1 100 MET 100 196 ?   ?   ?   A . n 
A 1 101 GLN 101 197 ?   ?   ?   A . n 
# 
loop_
_pdbx_nonpoly_scheme.asym_id 
_pdbx_nonpoly_scheme.entity_id 
_pdbx_nonpoly_scheme.mon_id 
_pdbx_nonpoly_scheme.ndb_seq_num 
_pdbx_nonpoly_scheme.pdb_seq_num 
_pdbx_nonpoly_scheme.auth_seq_num 
_pdbx_nonpoly_scheme.pdb_mon_id 
_pdbx_nonpoly_scheme.auth_mon_id 
_pdbx_nonpoly_scheme.pdb_strand_id 
_pdbx_nonpoly_scheme.pdb_ins_code 
B 2 PT  1  201 1  PT  PT  A . 
C 3 FE  1  202 1  FE  FE  A . 
D 4 HOH 1  301 1  HOH HOH A . 
D 4 HOH 2  302 2  HOH HOH A . 
D 4 HOH 3  303 3  HOH HOH A . 
D 4 HOH 4  304 4  HOH HOH A . 
D 4 HOH 5  305 5  HOH HOH A . 
D 4 HOH 6  306 6  HOH HOH A . 
D 4 HOH 7  307 7  HOH HOH A . 
D 4 HOH 8  308 8  HOH HOH A . 
D 4 HOH 9  309 9  HOH HOH A . 
D 4 HOH 10 310 10 HOH HOH A . 
D 4 HOH 11 311 11 HOH HOH A . 
# 
loop_
_software.name 
_software.classification 
_software.version 
_software.citation_id 
_software.pdbx_ordinal 
SHARP    phasing          .        ? 1 
REFMAC   refinement       5.5.0109 ? 2 
HKL-2000 'data reduction' .        ? 3 
HKL-2000 'data scaling'   .        ? 4 
# 
_cell.entry_id           3VTN 
_cell.length_a           47.171 
_cell.length_b           47.171 
_cell.length_c           72.114 
_cell.angle_alpha        90.00 
_cell.angle_beta         90.00 
_cell.angle_gamma        120.00 
_cell.Z_PDB              6 
_cell.pdbx_unique_axis   ? 
_cell.length_a_esd       ? 
_cell.length_b_esd       ? 
_cell.length_c_esd       ? 
_cell.angle_alpha_esd    ? 
_cell.angle_beta_esd     ? 
_cell.angle_gamma_esd    ? 
# 
_symmetry.entry_id                         3VTN 
_symmetry.space_group_name_H-M             'P 3 2 1' 
_symmetry.pdbx_full_space_group_name_H-M   ? 
_symmetry.cell_setting                     ? 
_symmetry.Int_Tables_number                150 
_symmetry.space_group_name_Hall            ? 
# 
_exptl.entry_id          3VTN 
_exptl.method            'X-RAY DIFFRACTION' 
_exptl.crystals_number   1 
# 
_exptl_crystal.id                    1 
_exptl_crystal.density_meas          ? 
_exptl_crystal.density_Matthews      2.12 
_exptl_crystal.density_percent_sol   42.05 
_exptl_crystal.description           ? 
_exptl_crystal.F_000                 ? 
_exptl_crystal.preparation           ? 
# 
_exptl_crystal_grow.crystal_id      1 
_exptl_crystal_grow.method          'VAPOR DIFFUSION, HANGING DROP' 
_exptl_crystal_grow.temp            293 
_exptl_crystal_grow.temp_details    ? 
_exptl_crystal_grow.pH              4.5 
_exptl_crystal_grow.pdbx_details    
'21% PEG 8000, 0.1M acetate pH 4.5, 0.2M sodium chloride, VAPOR DIFFUSION, HANGING DROP, temperature 293K' 
_exptl_crystal_grow.pdbx_pH_range   . 
# 
_diffrn.id                     1 
_diffrn.ambient_temp           100 
_diffrn.ambient_temp_details   ? 
_diffrn.crystal_id             1 
# 
_diffrn_detector.diffrn_id              1 
_diffrn_detector.detector               CCD 
_diffrn_detector.type                   'RAYONIX MX225HE' 
_diffrn_detector.pdbx_collection_date   2011-09-30 
_diffrn_detector.details                ? 
# 
_diffrn_radiation.diffrn_id                        1 
_diffrn_radiation.wavelength_id                    1 
_diffrn_radiation.pdbx_monochromatic_or_laue_m_l   M 
_diffrn_radiation.monochromator                    ? 
_diffrn_radiation.pdbx_diffrn_protocol             MAD 
_diffrn_radiation.pdbx_scattering_type             x-ray 
# 
loop_
_diffrn_radiation_wavelength.id 
_diffrn_radiation_wavelength.wavelength 
_diffrn_radiation_wavelength.wt 
1 1.0717 1.0 
2 1.0721 1.0 
3 1.0539 1.0 
# 
_diffrn_source.diffrn_id                   1 
_diffrn_source.source                      SYNCHROTRON 
_diffrn_source.type                        'SPRING-8 BEAMLINE BL44XU' 
_diffrn_source.pdbx_synchrotron_site       SPring-8 
_diffrn_source.pdbx_synchrotron_beamline   BL44XU 
_diffrn_source.pdbx_wavelength             ? 
_diffrn_source.pdbx_wavelength_list        '1.0717, 1.0721, 1.0539' 
# 
_reflns.entry_id                     3VTN 
_reflns.observed_criterion_sigma_I   ? 
_reflns.observed_criterion_sigma_F   ? 
_reflns.d_resolution_low             36.06 
_reflns.d_resolution_high            1.75 
_reflns.number_obs                   9825 
_reflns.number_all                   ? 
_reflns.percent_possible_obs         ? 
_reflns.pdbx_Rmerge_I_obs            ? 
_reflns.pdbx_Rsym_value              ? 
_reflns.pdbx_netI_over_sigmaI        ? 
_reflns.B_iso_Wilson_estimate        ? 
_reflns.pdbx_redundancy              ? 
_reflns.R_free_details               ? 
_reflns.limit_h_max                  ? 
_reflns.limit_h_min                  ? 
_reflns.limit_k_max                  ? 
_reflns.limit_k_min                  ? 
_reflns.limit_l_max                  ? 
_reflns.limit_l_min                  ? 
_reflns.observed_criterion_F_max     ? 
_reflns.observed_criterion_F_min     ? 
_reflns.pdbx_chi_squared             ? 
_reflns.pdbx_scaling_rejects         ? 
_reflns.pdbx_ordinal                 1 
_reflns.pdbx_diffrn_id               1 
# 
_refine.entry_id                                 3VTN 
_refine.ls_number_reflns_obs                     9223 
_refine.ls_number_reflns_all                     ? 
_refine.pdbx_ls_sigma_I                          ? 
_refine.pdbx_ls_sigma_F                          ? 
_refine.pdbx_data_cutoff_high_absF               ? 
_refine.pdbx_data_cutoff_low_absF                ? 
_refine.pdbx_data_cutoff_high_rms_absF           ? 
_refine.ls_d_res_low                             36.06 
_refine.ls_d_res_high                            1.75 
_refine.ls_percent_reflns_obs                    98.63 
_refine.ls_R_factor_obs                          0.27436 
_refine.ls_R_factor_all                          ? 
_refine.ls_R_factor_R_work                       0.27280 
_refine.ls_R_factor_R_free                       0.30418 
_refine.ls_R_factor_R_free_error                 ? 
_refine.ls_R_factor_R_free_error_details         ? 
_refine.ls_percent_reflns_R_free                 4.8 
_refine.ls_number_reflns_R_free                  467 
_refine.ls_number_parameters                     ? 
_refine.ls_number_restraints                     ? 
_refine.occupancy_min                            ? 
_refine.occupancy_max                            ? 
_refine.correlation_coeff_Fo_to_Fc               0.913 
_refine.correlation_coeff_Fo_to_Fc_free          0.875 
_refine.B_iso_mean                               25.963 
_refine.aniso_B[1][1]                            0.00 
_refine.aniso_B[2][2]                            0.00 
_refine.aniso_B[3][3]                            0.01 
_refine.aniso_B[1][2]                            0.00 
_refine.aniso_B[1][3]                            0.00 
_refine.aniso_B[2][3]                            0.00 
_refine.solvent_model_details                    MASK 
_refine.solvent_model_param_ksol                 ? 
_refine.solvent_model_param_bsol                 ? 
_refine.pdbx_solvent_vdw_probe_radii             1.40 
_refine.pdbx_solvent_ion_probe_radii             0.80 
_refine.pdbx_solvent_shrinkage_radii             0.80 
_refine.pdbx_ls_cross_valid_method               THROUGHOUT 
_refine.details                                  'HYDROGENS HAVE BEEN ADDED IN THE RIDING POSITIONS' 
_refine.pdbx_starting_model                      ? 
_refine.pdbx_method_to_determine_struct          MAD 
_refine.pdbx_isotropic_thermal_model             ? 
_refine.pdbx_stereochemistry_target_values       'MAXIMUM LIKELIHOOD' 
_refine.pdbx_stereochem_target_val_spec_case     ? 
_refine.pdbx_R_Free_selection_details            RANDOM 
_refine.pdbx_overall_ESU_R                       0.137 
_refine.pdbx_overall_ESU_R_Free                  0.133 
_refine.overall_SU_ML                            0.089 
_refine.pdbx_overall_phase_error                 ? 
_refine.overall_SU_B                             2.701 
_refine.overall_SU_R_Cruickshank_DPI             ? 
_refine.ls_redundancy_reflns_obs                 ? 
_refine.B_iso_min                                ? 
_refine.B_iso_max                                ? 
_refine.overall_SU_R_free                        ? 
_refine.ls_wR_factor_R_free                      ? 
_refine.ls_wR_factor_R_work                      ? 
_refine.overall_FOM_free_R_set                   ? 
_refine.overall_FOM_work_R_set                   ? 
_refine.pdbx_diffrn_id                           1 
_refine.pdbx_refine_id                           'X-RAY DIFFRACTION' 
_refine.pdbx_TLS_residual_ADP_flag               ? 
_refine.pdbx_overall_SU_R_free_Cruickshank_DPI   ? 
_refine.pdbx_overall_SU_R_Blow_DPI               ? 
_refine.pdbx_overall_SU_R_free_Blow_DPI          ? 
# 
_refine_hist.pdbx_refine_id                   'X-RAY DIFFRACTION' 
_refine_hist.cycle_id                         LAST 
_refine_hist.pdbx_number_atoms_protein        542 
_refine_hist.pdbx_number_atoms_nucleic_acid   0 
_refine_hist.pdbx_number_atoms_ligand         2 
_refine_hist.number_atoms_solvent             11 
_refine_hist.number_atoms_total               555 
_refine_hist.d_res_high                       1.75 
_refine_hist.d_res_low                        36.06 
# 
loop_
_refine_ls_restr.type 
_refine_ls_restr.dev_ideal 
_refine_ls_restr.dev_ideal_target 
_refine_ls_restr.weight 
_refine_ls_restr.number 
_refine_ls_restr.pdbx_restraint_function 
_refine_ls_restr.pdbx_refine_id 
r_bond_refined_d             0.016  0.022  ? 547 ? 'X-RAY DIFFRACTION' 
r_bond_other_d               ?      ?      ? ?   ? 'X-RAY DIFFRACTION' 
r_angle_refined_deg          1.676  1.964  ? 736 ? 'X-RAY DIFFRACTION' 
r_angle_other_deg            ?      ?      ? ?   ? 'X-RAY DIFFRACTION' 
r_dihedral_angle_1_deg       7.151  5.000  ? 70  ? 'X-RAY DIFFRACTION' 
r_dihedral_angle_2_deg       35.282 24.545 ? 22  ? 'X-RAY DIFFRACTION' 
r_dihedral_angle_3_deg       13.721 15.000 ? 105 ? 'X-RAY DIFFRACTION' 
r_dihedral_angle_4_deg       24.528 15.000 ? 4   ? 'X-RAY DIFFRACTION' 
r_chiral_restr               0.116  0.200  ? 89  ? 'X-RAY DIFFRACTION' 
r_gen_planes_refined         0.009  0.021  ? 392 ? 'X-RAY DIFFRACTION' 
r_gen_planes_other           ?      ?      ? ?   ? 'X-RAY DIFFRACTION' 
r_nbd_refined                ?      ?      ? ?   ? 'X-RAY DIFFRACTION' 
r_nbd_other                  ?      ?      ? ?   ? 'X-RAY DIFFRACTION' 
r_nbtor_refined              ?      ?      ? ?   ? 'X-RAY DIFFRACTION' 
r_nbtor_other                ?      ?      ? ?   ? 'X-RAY DIFFRACTION' 
r_xyhbond_nbd_refined        ?      ?      ? ?   ? 'X-RAY DIFFRACTION' 
r_xyhbond_nbd_other          ?      ?      ? ?   ? 'X-RAY DIFFRACTION' 
r_metal_ion_refined          ?      ?      ? ?   ? 'X-RAY DIFFRACTION' 
r_metal_ion_other            ?      ?      ? ?   ? 'X-RAY DIFFRACTION' 
r_symmetry_vdw_refined       ?      ?      ? ?   ? 'X-RAY DIFFRACTION' 
r_symmetry_vdw_other         ?      ?      ? ?   ? 'X-RAY DIFFRACTION' 
r_symmetry_hbond_refined     ?      ?      ? ?   ? 'X-RAY DIFFRACTION' 
r_symmetry_hbond_other       ?      ?      ? ?   ? 'X-RAY DIFFRACTION' 
r_symmetry_metal_ion_refined ?      ?      ? ?   ? 'X-RAY DIFFRACTION' 
r_symmetry_metal_ion_other   ?      ?      ? ?   ? 'X-RAY DIFFRACTION' 
r_mcbond_it                  1.093  1.500  ? 350 ? 'X-RAY DIFFRACTION' 
r_mcbond_other               ?      ?      ? ?   ? 'X-RAY DIFFRACTION' 
r_mcangle_it                 1.856  2.000  ? 572 ? 'X-RAY DIFFRACTION' 
r_scbond_it                  3.075  3.000  ? 197 ? 'X-RAY DIFFRACTION' 
r_scangle_it                 4.732  4.500  ? 164 ? 'X-RAY DIFFRACTION' 
r_rigid_bond_restr           ?      ?      ? ?   ? 'X-RAY DIFFRACTION' 
r_sphericity_free            ?      ?      ? ?   ? 'X-RAY DIFFRACTION' 
r_sphericity_bonded          ?      ?      ? ?   ? 'X-RAY DIFFRACTION' 
# 
_refine_ls_shell.pdbx_refine_id                   'X-RAY DIFFRACTION' 
_refine_ls_shell.pdbx_total_number_of_bins_used   20 
_refine_ls_shell.d_res_high                       1.750 
_refine_ls_shell.d_res_low                        1.795 
_refine_ls_shell.number_reflns_R_work             656 
_refine_ls_shell.R_factor_R_work                  0.319 
_refine_ls_shell.percent_reflns_obs               98.02 
_refine_ls_shell.R_factor_R_free                  0.320 
_refine_ls_shell.R_factor_R_free_error            ? 
_refine_ls_shell.percent_reflns_R_free            ? 
_refine_ls_shell.number_reflns_R_free             37 
_refine_ls_shell.number_reflns_all                ? 
_refine_ls_shell.R_factor_all                     ? 
_refine_ls_shell.number_reflns_obs                ? 
_refine_ls_shell.redundancy_reflns_obs            ? 
# 
_struct.entry_id                  3VTN 
_struct.title                     
'The crystal structure of the C-terminal domain of Mu phage central spike - Pt derivative for MAD' 
_struct.pdbx_model_details        ? 
_struct.pdbx_CASP_flag            ? 
_struct.pdbx_model_type_details   ? 
# 
_struct_keywords.entry_id        3VTN 
_struct_keywords.pdbx_keywords   'METAL BINDING PROTEIN' 
_struct_keywords.text            'beta-helix, central spike, Mu phage, METAL BINDING PROTEIN' 
# 
loop_
_struct_asym.id 
_struct_asym.pdbx_blank_PDB_chainid_flag 
_struct_asym.pdbx_modified 
_struct_asym.entity_id 
_struct_asym.details 
A N N 1 ? 
B N N 2 ? 
C N N 3 ? 
D N N 4 ? 
# 
_struct_ref.id                         1 
_struct_ref.db_name                    UNP 
_struct_ref.db_code                    VG45_BPMU 
_struct_ref.pdbx_db_accession          Q9T1V4 
_struct_ref.entity_id                  1 
_struct_ref.pdbx_seq_one_letter_code   
;EPGDAGIYHHEGHRIRLTKDGRCIITCKTVEVYADESMTVDTPRTTFTGDVEIQKGLGVKGKSQFDSNITAPDAIINGKS
TDKHIHRGDSGGTTGPMQ
;
_struct_ref.pdbx_align_begin           100 
_struct_ref.pdbx_db_isoform            ? 
# 
_struct_ref_seq.align_id                      1 
_struct_ref_seq.ref_id                        1 
_struct_ref_seq.pdbx_PDB_id_code              3VTN 
_struct_ref_seq.pdbx_strand_id                A 
_struct_ref_seq.seq_align_beg                 4 
_struct_ref_seq.pdbx_seq_align_beg_ins_code   ? 
_struct_ref_seq.seq_align_end                 101 
_struct_ref_seq.pdbx_seq_align_end_ins_code   ? 
_struct_ref_seq.pdbx_db_accession             Q9T1V4 
_struct_ref_seq.db_align_beg                  100 
_struct_ref_seq.pdbx_db_align_beg_ins_code    ? 
_struct_ref_seq.db_align_end                  197 
_struct_ref_seq.pdbx_db_align_end_ins_code    ? 
_struct_ref_seq.pdbx_auth_seq_align_beg       100 
_struct_ref_seq.pdbx_auth_seq_align_end       197 
# 
loop_
_struct_ref_seq_dif.align_id 
_struct_ref_seq_dif.pdbx_pdb_id_code 
_struct_ref_seq_dif.mon_id 
_struct_ref_seq_dif.pdbx_pdb_strand_id 
_struct_ref_seq_dif.seq_num 
_struct_ref_seq_dif.pdbx_pdb_ins_code 
_struct_ref_seq_dif.pdbx_seq_db_name 
_struct_ref_seq_dif.pdbx_seq_db_accession_code 
_struct_ref_seq_dif.db_mon_id 
_struct_ref_seq_dif.pdbx_seq_db_seq_num 
_struct_ref_seq_dif.details 
_struct_ref_seq_dif.pdbx_auth_seq_num 
_struct_ref_seq_dif.pdbx_ordinal 
1 3VTN GLY A 1 ? UNP Q9T1V4 ? ? 'expression tag' 97 1 
1 3VTN HIS A 2 ? UNP Q9T1V4 ? ? 'expression tag' 98 2 
1 3VTN MET A 3 ? UNP Q9T1V4 ? ? 'expression tag' 99 3 
# 
_pdbx_struct_assembly.id                   1 
_pdbx_struct_assembly.details              author_and_software_defined_assembly 
_pdbx_struct_assembly.method_details       PISA 
_pdbx_struct_assembly.oligomeric_details   trimeric 
_pdbx_struct_assembly.oligomeric_count     3 
# 
loop_
_pdbx_struct_assembly_prop.biol_id 
_pdbx_struct_assembly_prop.type 
_pdbx_struct_assembly_prop.value 
_pdbx_struct_assembly_prop.details 
1 'ABSA (A^2)' 15360 ? 
1 MORE         -176  ? 
1 'SSA (A^2)'  9800  ? 
# 
_pdbx_struct_assembly_gen.assembly_id       1 
_pdbx_struct_assembly_gen.oper_expression   1,2,3 
_pdbx_struct_assembly_gen.asym_id_list      A,B,C,D 
# 
loop_
_pdbx_struct_oper_list.id 
_pdbx_struct_oper_list.type 
_pdbx_struct_oper_list.name 
_pdbx_struct_oper_list.symmetry_operation 
_pdbx_struct_oper_list.matrix[1][1] 
_pdbx_struct_oper_list.matrix[1][2] 
_pdbx_struct_oper_list.matrix[1][3] 
_pdbx_struct_oper_list.vector[1] 
_pdbx_struct_oper_list.matrix[2][1] 
_pdbx_struct_oper_list.matrix[2][2] 
_pdbx_struct_oper_list.matrix[2][3] 
_pdbx_struct_oper_list.vector[2] 
_pdbx_struct_oper_list.matrix[3][1] 
_pdbx_struct_oper_list.matrix[3][2] 
_pdbx_struct_oper_list.matrix[3][3] 
_pdbx_struct_oper_list.vector[3] 
1 'identity operation'         1_555 x,y,z        1.0000000000  0.0000000000  0.0000000000 0.0000000000  0.0000000000  1.0000000000  0.0000000000  0.0000000000  0.0000000000 0.0000000000  1.0000000000 0.0000000000  
2 'crystal symmetry operation' 2_665 -y+1,x-y+1,z -0.2735485048 0.4284726599  0.8611517841 0.2420155455  -0.9591095482 -0.1891436873 -0.2105553137 -0.3487208021 0.0726642284 -0.8835359898 0.4626921921 -0.3155371954 
3 'crystal symmetry operation' 3_565 -x+y,-x+1,z  -0.2735485048 -0.9591095482 0.0726642284 -0.2453301942 0.4284726599  -0.1891436873 -0.8835359898 -0.4484438511 0.8611517841 -0.2105553137 0.4626921921 -0.1358405398 
# 
_struct_biol.id        1 
_struct_biol.details   ? 
# 
_struct_conf.conf_type_id            HELX_P 
_struct_conf.id                      HELX_P1 
_struct_conf.pdbx_PDB_helix_id       1 
_struct_conf.beg_label_comp_id       ILE 
_struct_conf.beg_label_asym_id       A 
_struct_conf.beg_label_seq_id        78 
_struct_conf.pdbx_beg_PDB_ins_code   ? 
_struct_conf.end_label_comp_id       LYS 
_struct_conf.end_label_asym_id       A 
_struct_conf.end_label_seq_id        82 
_struct_conf.pdbx_end_PDB_ins_code   ? 
_struct_conf.beg_auth_comp_id        ILE 
_struct_conf.beg_auth_asym_id        A 
_struct_conf.beg_auth_seq_id         174 
_struct_conf.end_auth_comp_id        LYS 
_struct_conf.end_auth_asym_id        A 
_struct_conf.end_auth_seq_id         178 
_struct_conf.pdbx_PDB_helix_class    5 
_struct_conf.details                 ? 
_struct_conf.pdbx_PDB_helix_length   5 
# 
_struct_conf_type.id          HELX_P 
_struct_conf_type.criteria    ? 
_struct_conf_type.reference   ? 
# 
_struct_conn.id                            metalc1 
_struct_conn.conn_type_id                  metalc 
_struct_conn.pdbx_leaving_atom_flag        ? 
_struct_conn.pdbx_PDB_id                   ? 
_struct_conn.ptnr1_label_asym_id           A 
_struct_conn.ptnr1_label_comp_id           HIS 
_struct_conn.ptnr1_label_seq_id            87 
_struct_conn.ptnr1_label_atom_id           NE2 
_struct_conn.pdbx_ptnr1_label_alt_id       ? 
_struct_conn.pdbx_ptnr1_PDB_ins_code       ? 
_struct_conn.pdbx_ptnr1_standard_comp_id   ? 
_struct_conn.ptnr1_symmetry                1_555 
_struct_conn.ptnr2_label_asym_id           C 
_struct_conn.ptnr2_label_comp_id           FE 
_struct_conn.ptnr2_label_seq_id            . 
_struct_conn.ptnr2_label_atom_id           FE 
_struct_conn.pdbx_ptnr2_label_alt_id       ? 
_struct_conn.pdbx_ptnr2_PDB_ins_code       ? 
_struct_conn.ptnr1_auth_asym_id            A 
_struct_conn.ptnr1_auth_comp_id            HIS 
_struct_conn.ptnr1_auth_seq_id             183 
_struct_conn.ptnr2_auth_asym_id            A 
_struct_conn.ptnr2_auth_comp_id            FE 
_struct_conn.ptnr2_auth_seq_id             202 
_struct_conn.ptnr2_symmetry                1_555 
_struct_conn.pdbx_ptnr3_label_atom_id      ? 
_struct_conn.pdbx_ptnr3_label_seq_id       ? 
_struct_conn.pdbx_ptnr3_label_comp_id      ? 
_struct_conn.pdbx_ptnr3_label_asym_id      ? 
_struct_conn.pdbx_ptnr3_label_alt_id       ? 
_struct_conn.pdbx_ptnr3_PDB_ins_code       ? 
_struct_conn.details                       ? 
_struct_conn.pdbx_dist_value               2.027 
_struct_conn.pdbx_value_order              ? 
_struct_conn.pdbx_role                     ? 
# 
_struct_conn_type.id          metalc 
_struct_conn_type.criteria    ? 
_struct_conn_type.reference   ? 
# 
_struct_sheet.id               A 
_struct_sheet.type             ? 
_struct_sheet.number_strands   2 
_struct_sheet.details          ? 
# 
_struct_sheet_order.sheet_id     A 
_struct_sheet_order.range_id_1   1 
_struct_sheet_order.range_id_2   2 
_struct_sheet_order.offset       ? 
_struct_sheet_order.sense        anti-parallel 
# 
loop_
_struct_sheet_range.sheet_id 
_struct_sheet_range.id 
_struct_sheet_range.beg_label_comp_id 
_struct_sheet_range.beg_label_asym_id 
_struct_sheet_range.beg_label_seq_id 
_struct_sheet_range.pdbx_beg_PDB_ins_code 
_struct_sheet_range.end_label_comp_id 
_struct_sheet_range.end_label_asym_id 
_struct_sheet_range.end_label_seq_id 
_struct_sheet_range.pdbx_end_PDB_ins_code 
_struct_sheet_range.beg_auth_comp_id 
_struct_sheet_range.beg_auth_asym_id 
_struct_sheet_range.beg_auth_seq_id 
_struct_sheet_range.end_auth_comp_id 
_struct_sheet_range.end_auth_asym_id 
_struct_sheet_range.end_auth_seq_id 
A 1 ILE A 18 ? LEU A 20 ? ILE A 114 LEU A 116 
A 2 CYS A 26 ? ILE A 28 ? CYS A 122 ILE A 124 
# 
_pdbx_struct_sheet_hbond.sheet_id                A 
_pdbx_struct_sheet_hbond.range_id_1              1 
_pdbx_struct_sheet_hbond.range_id_2              2 
_pdbx_struct_sheet_hbond.range_1_label_atom_id   N 
_pdbx_struct_sheet_hbond.range_1_label_comp_id   ARG 
_pdbx_struct_sheet_hbond.range_1_label_asym_id   A 
_pdbx_struct_sheet_hbond.range_1_label_seq_id    19 
_pdbx_struct_sheet_hbond.range_1_PDB_ins_code    ? 
_pdbx_struct_sheet_hbond.range_1_auth_atom_id    N 
_pdbx_struct_sheet_hbond.range_1_auth_comp_id    ARG 
_pdbx_struct_sheet_hbond.range_1_auth_asym_id    A 
_pdbx_struct_sheet_hbond.range_1_auth_seq_id     115 
_pdbx_struct_sheet_hbond.range_2_label_atom_id   O 
_pdbx_struct_sheet_hbond.range_2_label_comp_id   ILE 
_pdbx_struct_sheet_hbond.range_2_label_asym_id   A 
_pdbx_struct_sheet_hbond.range_2_label_seq_id    27 
_pdbx_struct_sheet_hbond.range_2_PDB_ins_code    ? 
_pdbx_struct_sheet_hbond.range_2_auth_atom_id    O 
_pdbx_struct_sheet_hbond.range_2_auth_comp_id    ILE 
_pdbx_struct_sheet_hbond.range_2_auth_asym_id    A 
_pdbx_struct_sheet_hbond.range_2_auth_seq_id     123 
# 
_struct_site.id                   AC1 
_struct_site.pdbx_evidence_code   Software 
_struct_site.pdbx_auth_asym_id    A 
_struct_site.pdbx_auth_comp_id    FE 
_struct_site.pdbx_auth_seq_id     202 
_struct_site.pdbx_auth_ins_code   ? 
_struct_site.pdbx_num_residues    3 
_struct_site.details              'BINDING SITE FOR RESIDUE FE A 202' 
# 
loop_
_struct_site_gen.id 
_struct_site_gen.site_id 
_struct_site_gen.pdbx_num_res 
_struct_site_gen.label_comp_id 
_struct_site_gen.label_asym_id 
_struct_site_gen.label_seq_id 
_struct_site_gen.pdbx_auth_ins_code 
_struct_site_gen.auth_comp_id 
_struct_site_gen.auth_asym_id 
_struct_site_gen.auth_seq_id 
_struct_site_gen.label_atom_id 
_struct_site_gen.label_alt_id 
_struct_site_gen.symmetry 
_struct_site_gen.details 
1 AC1 3 HIS A 87 ? HIS A 183 . ? 1_555 ? 
2 AC1 3 HIS A 87 ? HIS A 183 . ? 3_565 ? 
3 AC1 3 HIS A 87 ? HIS A 183 . ? 2_665 ? 
# 
_pdbx_validate_rmsd_bond.id                        1 
_pdbx_validate_rmsd_bond.PDB_model_num             1 
_pdbx_validate_rmsd_bond.auth_atom_id_1            CB 
_pdbx_validate_rmsd_bond.auth_asym_id_1            A 
_pdbx_validate_rmsd_bond.auth_comp_id_1            CYS 
_pdbx_validate_rmsd_bond.auth_seq_id_1             126 
_pdbx_validate_rmsd_bond.PDB_ins_code_1            ? 
_pdbx_validate_rmsd_bond.label_alt_id_1            ? 
_pdbx_validate_rmsd_bond.auth_atom_id_2            SG 
_pdbx_validate_rmsd_bond.auth_asym_id_2            A 
_pdbx_validate_rmsd_bond.auth_comp_id_2            CYS 
_pdbx_validate_rmsd_bond.auth_seq_id_2             126 
_pdbx_validate_rmsd_bond.PDB_ins_code_2            ? 
_pdbx_validate_rmsd_bond.label_alt_id_2            ? 
_pdbx_validate_rmsd_bond.bond_value                1.716 
_pdbx_validate_rmsd_bond.bond_target_value         1.812 
_pdbx_validate_rmsd_bond.bond_deviation            -0.096 
_pdbx_validate_rmsd_bond.bond_standard_deviation   0.016 
_pdbx_validate_rmsd_bond.linker_flag               N 
# 
loop_
_pdbx_validate_torsion.id 
_pdbx_validate_torsion.PDB_model_num 
_pdbx_validate_torsion.auth_comp_id 
_pdbx_validate_torsion.auth_asym_id 
_pdbx_validate_torsion.auth_seq_id 
_pdbx_validate_torsion.PDB_ins_code 
_pdbx_validate_torsion.label_alt_id 
_pdbx_validate_torsion.phi 
_pdbx_validate_torsion.psi 
1 1 ASP A 119 ? ? 92.93   -19.35  
2 1 LYS A 154 ? ? -113.20 -127.11 
# 
loop_
_pdbx_unobs_or_zero_occ_residues.id 
_pdbx_unobs_or_zero_occ_residues.PDB_model_num 
_pdbx_unobs_or_zero_occ_residues.polymer_flag 
_pdbx_unobs_or_zero_occ_residues.occupancy_flag 
_pdbx_unobs_or_zero_occ_residues.auth_asym_id 
_pdbx_unobs_or_zero_occ_residues.auth_comp_id 
_pdbx_unobs_or_zero_occ_residues.auth_seq_id 
_pdbx_unobs_or_zero_occ_residues.PDB_ins_code 
_pdbx_unobs_or_zero_occ_residues.label_asym_id 
_pdbx_unobs_or_zero_occ_residues.label_comp_id 
_pdbx_unobs_or_zero_occ_residues.label_seq_id 
1  1 Y 1 A GLY 97  ? A GLY 1   
2  1 Y 1 A HIS 98  ? A HIS 2   
3  1 Y 1 A MET 99  ? A MET 3   
4  1 Y 1 A GLU 100 ? A GLU 4   
5  1 Y 1 A PRO 101 ? A PRO 5   
6  1 Y 1 A GLY 102 ? A GLY 6   
7  1 Y 1 A ASP 103 ? A ASP 7   
8  1 Y 1 A ALA 104 ? A ALA 8   
9  1 Y 1 A GLY 105 ? A GLY 9   
10 1 Y 1 A ILE 106 ? A ILE 10  
11 1 Y 1 A TYR 107 ? A TYR 11  
12 1 Y 1 A HIS 108 ? A HIS 12  
13 1 Y 1 A HIS 109 ? A HIS 13  
14 1 Y 1 A GLU 110 ? A GLU 14  
15 1 Y 1 A GLY 111 ? A GLY 15  
16 1 Y 1 A HIS 112 ? A HIS 16  
17 1 Y 1 A ILE 184 ? A ILE 88  
18 1 Y 1 A HIS 185 ? A HIS 89  
19 1 Y 1 A ARG 186 ? A ARG 90  
20 1 Y 1 A GLY 187 ? A GLY 91  
21 1 Y 1 A ASP 188 ? A ASP 92  
22 1 Y 1 A SER 189 ? A SER 93  
23 1 Y 1 A GLY 190 ? A GLY 94  
24 1 Y 1 A GLY 191 ? A GLY 95  
25 1 Y 1 A THR 192 ? A THR 96  
26 1 Y 1 A THR 193 ? A THR 97  
27 1 Y 1 A GLY 194 ? A GLY 98  
28 1 Y 1 A PRO 195 ? A PRO 99  
29 1 Y 1 A MET 196 ? A MET 100 
30 1 Y 1 A GLN 197 ? A GLN 101 
# 
loop_
_chem_comp_atom.comp_id 
_chem_comp_atom.atom_id 
_chem_comp_atom.type_symbol 
_chem_comp_atom.pdbx_aromatic_flag 
_chem_comp_atom.pdbx_stereo_config 
_chem_comp_atom.pdbx_ordinal 
ALA N    N  N N 1   
ALA CA   C  N S 2   
ALA C    C  N N 3   
ALA O    O  N N 4   
ALA CB   C  N N 5   
ALA OXT  O  N N 6   
ALA H    H  N N 7   
ALA H2   H  N N 8   
ALA HA   H  N N 9   
ALA HB1  H  N N 10  
ALA HB2  H  N N 11  
ALA HB3  H  N N 12  
ALA HXT  H  N N 13  
ARG N    N  N N 14  
ARG CA   C  N S 15  
ARG C    C  N N 16  
ARG O    O  N N 17  
ARG CB   C  N N 18  
ARG CG   C  N N 19  
ARG CD   C  N N 20  
ARG NE   N  N N 21  
ARG CZ   C  N N 22  
ARG NH1  N  N N 23  
ARG NH2  N  N N 24  
ARG OXT  O  N N 25  
ARG H    H  N N 26  
ARG H2   H  N N 27  
ARG HA   H  N N 28  
ARG HB2  H  N N 29  
ARG HB3  H  N N 30  
ARG HG2  H  N N 31  
ARG HG3  H  N N 32  
ARG HD2  H  N N 33  
ARG HD3  H  N N 34  
ARG HE   H  N N 35  
ARG HH11 H  N N 36  
ARG HH12 H  N N 37  
ARG HH21 H  N N 38  
ARG HH22 H  N N 39  
ARG HXT  H  N N 40  
ASN N    N  N N 41  
ASN CA   C  N S 42  
ASN C    C  N N 43  
ASN O    O  N N 44  
ASN CB   C  N N 45  
ASN CG   C  N N 46  
ASN OD1  O  N N 47  
ASN ND2  N  N N 48  
ASN OXT  O  N N 49  
ASN H    H  N N 50  
ASN H2   H  N N 51  
ASN HA   H  N N 52  
ASN HB2  H  N N 53  
ASN HB3  H  N N 54  
ASN HD21 H  N N 55  
ASN HD22 H  N N 56  
ASN HXT  H  N N 57  
ASP N    N  N N 58  
ASP CA   C  N S 59  
ASP C    C  N N 60  
ASP O    O  N N 61  
ASP CB   C  N N 62  
ASP CG   C  N N 63  
ASP OD1  O  N N 64  
ASP OD2  O  N N 65  
ASP OXT  O  N N 66  
ASP H    H  N N 67  
ASP H2   H  N N 68  
ASP HA   H  N N 69  
ASP HB2  H  N N 70  
ASP HB3  H  N N 71  
ASP HD2  H  N N 72  
ASP HXT  H  N N 73  
CYS N    N  N N 74  
CYS CA   C  N R 75  
CYS C    C  N N 76  
CYS O    O  N N 77  
CYS CB   C  N N 78  
CYS SG   S  N N 79  
CYS OXT  O  N N 80  
CYS H    H  N N 81  
CYS H2   H  N N 82  
CYS HA   H  N N 83  
CYS HB2  H  N N 84  
CYS HB3  H  N N 85  
CYS HG   H  N N 86  
CYS HXT  H  N N 87  
FE  FE   FE N N 88  
GLN N    N  N N 89  
GLN CA   C  N S 90  
GLN C    C  N N 91  
GLN O    O  N N 92  
GLN CB   C  N N 93  
GLN CG   C  N N 94  
GLN CD   C  N N 95  
GLN OE1  O  N N 96  
GLN NE2  N  N N 97  
GLN OXT  O  N N 98  
GLN H    H  N N 99  
GLN H2   H  N N 100 
GLN HA   H  N N 101 
GLN HB2  H  N N 102 
GLN HB3  H  N N 103 
GLN HG2  H  N N 104 
GLN HG3  H  N N 105 
GLN HE21 H  N N 106 
GLN HE22 H  N N 107 
GLN HXT  H  N N 108 
GLU N    N  N N 109 
GLU CA   C  N S 110 
GLU C    C  N N 111 
GLU O    O  N N 112 
GLU CB   C  N N 113 
GLU CG   C  N N 114 
GLU CD   C  N N 115 
GLU OE1  O  N N 116 
GLU OE2  O  N N 117 
GLU OXT  O  N N 118 
GLU H    H  N N 119 
GLU H2   H  N N 120 
GLU HA   H  N N 121 
GLU HB2  H  N N 122 
GLU HB3  H  N N 123 
GLU HG2  H  N N 124 
GLU HG3  H  N N 125 
GLU HE2  H  N N 126 
GLU HXT  H  N N 127 
GLY N    N  N N 128 
GLY CA   C  N N 129 
GLY C    C  N N 130 
GLY O    O  N N 131 
GLY OXT  O  N N 132 
GLY H    H  N N 133 
GLY H2   H  N N 134 
GLY HA2  H  N N 135 
GLY HA3  H  N N 136 
GLY HXT  H  N N 137 
HIS N    N  N N 138 
HIS CA   C  N S 139 
HIS C    C  N N 140 
HIS O    O  N N 141 
HIS CB   C  N N 142 
HIS CG   C  Y N 143 
HIS ND1  N  Y N 144 
HIS CD2  C  Y N 145 
HIS CE1  C  Y N 146 
HIS NE2  N  Y N 147 
HIS OXT  O  N N 148 
HIS H    H  N N 149 
HIS H2   H  N N 150 
HIS HA   H  N N 151 
HIS HB2  H  N N 152 
HIS HB3  H  N N 153 
HIS HD1  H  N N 154 
HIS HD2  H  N N 155 
HIS HE1  H  N N 156 
HIS HE2  H  N N 157 
HIS HXT  H  N N 158 
HOH O    O  N N 159 
HOH H1   H  N N 160 
HOH H2   H  N N 161 
ILE N    N  N N 162 
ILE CA   C  N S 163 
ILE C    C  N N 164 
ILE O    O  N N 165 
ILE CB   C  N S 166 
ILE CG1  C  N N 167 
ILE CG2  C  N N 168 
ILE CD1  C  N N 169 
ILE OXT  O  N N 170 
ILE H    H  N N 171 
ILE H2   H  N N 172 
ILE HA   H  N N 173 
ILE HB   H  N N 174 
ILE HG12 H  N N 175 
ILE HG13 H  N N 176 
ILE HG21 H  N N 177 
ILE HG22 H  N N 178 
ILE HG23 H  N N 179 
ILE HD11 H  N N 180 
ILE HD12 H  N N 181 
ILE HD13 H  N N 182 
ILE HXT  H  N N 183 
LEU N    N  N N 184 
LEU CA   C  N S 185 
LEU C    C  N N 186 
LEU O    O  N N 187 
LEU CB   C  N N 188 
LEU CG   C  N N 189 
LEU CD1  C  N N 190 
LEU CD2  C  N N 191 
LEU OXT  O  N N 192 
LEU H    H  N N 193 
LEU H2   H  N N 194 
LEU HA   H  N N 195 
LEU HB2  H  N N 196 
LEU HB3  H  N N 197 
LEU HG   H  N N 198 
LEU HD11 H  N N 199 
LEU HD12 H  N N 200 
LEU HD13 H  N N 201 
LEU HD21 H  N N 202 
LEU HD22 H  N N 203 
LEU HD23 H  N N 204 
LEU HXT  H  N N 205 
LYS N    N  N N 206 
LYS CA   C  N S 207 
LYS C    C  N N 208 
LYS O    O  N N 209 
LYS CB   C  N N 210 
LYS CG   C  N N 211 
LYS CD   C  N N 212 
LYS CE   C  N N 213 
LYS NZ   N  N N 214 
LYS OXT  O  N N 215 
LYS H    H  N N 216 
LYS H2   H  N N 217 
LYS HA   H  N N 218 
LYS HB2  H  N N 219 
LYS HB3  H  N N 220 
LYS HG2  H  N N 221 
LYS HG3  H  N N 222 
LYS HD2  H  N N 223 
LYS HD3  H  N N 224 
LYS HE2  H  N N 225 
LYS HE3  H  N N 226 
LYS HZ1  H  N N 227 
LYS HZ2  H  N N 228 
LYS HZ3  H  N N 229 
LYS HXT  H  N N 230 
MET N    N  N N 231 
MET CA   C  N S 232 
MET C    C  N N 233 
MET O    O  N N 234 
MET CB   C  N N 235 
MET CG   C  N N 236 
MET SD   S  N N 237 
MET CE   C  N N 238 
MET OXT  O  N N 239 
MET H    H  N N 240 
MET H2   H  N N 241 
MET HA   H  N N 242 
MET HB2  H  N N 243 
MET HB3  H  N N 244 
MET HG2  H  N N 245 
MET HG3  H  N N 246 
MET HE1  H  N N 247 
MET HE2  H  N N 248 
MET HE3  H  N N 249 
MET HXT  H  N N 250 
PHE N    N  N N 251 
PHE CA   C  N S 252 
PHE C    C  N N 253 
PHE O    O  N N 254 
PHE CB   C  N N 255 
PHE CG   C  Y N 256 
PHE CD1  C  Y N 257 
PHE CD2  C  Y N 258 
PHE CE1  C  Y N 259 
PHE CE2  C  Y N 260 
PHE CZ   C  Y N 261 
PHE OXT  O  N N 262 
PHE H    H  N N 263 
PHE H2   H  N N 264 
PHE HA   H  N N 265 
PHE HB2  H  N N 266 
PHE HB3  H  N N 267 
PHE HD1  H  N N 268 
PHE HD2  H  N N 269 
PHE HE1  H  N N 270 
PHE HE2  H  N N 271 
PHE HZ   H  N N 272 
PHE HXT  H  N N 273 
PRO N    N  N N 274 
PRO CA   C  N S 275 
PRO C    C  N N 276 
PRO O    O  N N 277 
PRO CB   C  N N 278 
PRO CG   C  N N 279 
PRO CD   C  N N 280 
PRO OXT  O  N N 281 
PRO H    H  N N 282 
PRO HA   H  N N 283 
PRO HB2  H  N N 284 
PRO HB3  H  N N 285 
PRO HG2  H  N N 286 
PRO HG3  H  N N 287 
PRO HD2  H  N N 288 
PRO HD3  H  N N 289 
PRO HXT  H  N N 290 
PT  PT   PT N N 291 
SER N    N  N N 292 
SER CA   C  N S 293 
SER C    C  N N 294 
SER O    O  N N 295 
SER CB   C  N N 296 
SER OG   O  N N 297 
SER OXT  O  N N 298 
SER H    H  N N 299 
SER H2   H  N N 300 
SER HA   H  N N 301 
SER HB2  H  N N 302 
SER HB3  H  N N 303 
SER HG   H  N N 304 
SER HXT  H  N N 305 
THR N    N  N N 306 
THR CA   C  N S 307 
THR C    C  N N 308 
THR O    O  N N 309 
THR CB   C  N R 310 
THR OG1  O  N N 311 
THR CG2  C  N N 312 
THR OXT  O  N N 313 
THR H    H  N N 314 
THR H2   H  N N 315 
THR HA   H  N N 316 
THR HB   H  N N 317 
THR HG1  H  N N 318 
THR HG21 H  N N 319 
THR HG22 H  N N 320 
THR HG23 H  N N 321 
THR HXT  H  N N 322 
TYR N    N  N N 323 
TYR CA   C  N S 324 
TYR C    C  N N 325 
TYR O    O  N N 326 
TYR CB   C  N N 327 
TYR CG   C  Y N 328 
TYR CD1  C  Y N 329 
TYR CD2  C  Y N 330 
TYR CE1  C  Y N 331 
TYR CE2  C  Y N 332 
TYR CZ   C  Y N 333 
TYR OH   O  N N 334 
TYR OXT  O  N N 335 
TYR H    H  N N 336 
TYR H2   H  N N 337 
TYR HA   H  N N 338 
TYR HB2  H  N N 339 
TYR HB3  H  N N 340 
TYR HD1  H  N N 341 
TYR HD2  H  N N 342 
TYR HE1  H  N N 343 
TYR HE2  H  N N 344 
TYR HH   H  N N 345 
TYR HXT  H  N N 346 
VAL N    N  N N 347 
VAL CA   C  N S 348 
VAL C    C  N N 349 
VAL O    O  N N 350 
VAL CB   C  N N 351 
VAL CG1  C  N N 352 
VAL CG2  C  N N 353 
VAL OXT  O  N N 354 
VAL H    H  N N 355 
VAL H2   H  N N 356 
VAL HA   H  N N 357 
VAL HB   H  N N 358 
VAL HG11 H  N N 359 
VAL HG12 H  N N 360 
VAL HG13 H  N N 361 
VAL HG21 H  N N 362 
VAL HG22 H  N N 363 
VAL HG23 H  N N 364 
VAL HXT  H  N N 365 
# 
loop_
_chem_comp_bond.comp_id 
_chem_comp_bond.atom_id_1 
_chem_comp_bond.atom_id_2 
_chem_comp_bond.value_order 
_chem_comp_bond.pdbx_aromatic_flag 
_chem_comp_bond.pdbx_stereo_config 
_chem_comp_bond.pdbx_ordinal 
ALA N   CA   sing N N 1   
ALA N   H    sing N N 2   
ALA N   H2   sing N N 3   
ALA CA  C    sing N N 4   
ALA CA  CB   sing N N 5   
ALA CA  HA   sing N N 6   
ALA C   O    doub N N 7   
ALA C   OXT  sing N N 8   
ALA CB  HB1  sing N N 9   
ALA CB  HB2  sing N N 10  
ALA CB  HB3  sing N N 11  
ALA OXT HXT  sing N N 12  
ARG N   CA   sing N N 13  
ARG N   H    sing N N 14  
ARG N   H2   sing N N 15  
ARG CA  C    sing N N 16  
ARG CA  CB   sing N N 17  
ARG CA  HA   sing N N 18  
ARG C   O    doub N N 19  
ARG C   OXT  sing N N 20  
ARG CB  CG   sing N N 21  
ARG CB  HB2  sing N N 22  
ARG CB  HB3  sing N N 23  
ARG CG  CD   sing N N 24  
ARG CG  HG2  sing N N 25  
ARG CG  HG3  sing N N 26  
ARG CD  NE   sing N N 27  
ARG CD  HD2  sing N N 28  
ARG CD  HD3  sing N N 29  
ARG NE  CZ   sing N N 30  
ARG NE  HE   sing N N 31  
ARG CZ  NH1  sing N N 32  
ARG CZ  NH2  doub N N 33  
ARG NH1 HH11 sing N N 34  
ARG NH1 HH12 sing N N 35  
ARG NH2 HH21 sing N N 36  
ARG NH2 HH22 sing N N 37  
ARG OXT HXT  sing N N 38  
ASN N   CA   sing N N 39  
ASN N   H    sing N N 40  
ASN N   H2   sing N N 41  
ASN CA  C    sing N N 42  
ASN CA  CB   sing N N 43  
ASN CA  HA   sing N N 44  
ASN C   O    doub N N 45  
ASN C   OXT  sing N N 46  
ASN CB  CG   sing N N 47  
ASN CB  HB2  sing N N 48  
ASN CB  HB3  sing N N 49  
ASN CG  OD1  doub N N 50  
ASN CG  ND2  sing N N 51  
ASN ND2 HD21 sing N N 52  
ASN ND2 HD22 sing N N 53  
ASN OXT HXT  sing N N 54  
ASP N   CA   sing N N 55  
ASP N   H    sing N N 56  
ASP N   H2   sing N N 57  
ASP CA  C    sing N N 58  
ASP CA  CB   sing N N 59  
ASP CA  HA   sing N N 60  
ASP C   O    doub N N 61  
ASP C   OXT  sing N N 62  
ASP CB  CG   sing N N 63  
ASP CB  HB2  sing N N 64  
ASP CB  HB3  sing N N 65  
ASP CG  OD1  doub N N 66  
ASP CG  OD2  sing N N 67  
ASP OD2 HD2  sing N N 68  
ASP OXT HXT  sing N N 69  
CYS N   CA   sing N N 70  
CYS N   H    sing N N 71  
CYS N   H2   sing N N 72  
CYS CA  C    sing N N 73  
CYS CA  CB   sing N N 74  
CYS CA  HA   sing N N 75  
CYS C   O    doub N N 76  
CYS C   OXT  sing N N 77  
CYS CB  SG   sing N N 78  
CYS CB  HB2  sing N N 79  
CYS CB  HB3  sing N N 80  
CYS SG  HG   sing N N 81  
CYS OXT HXT  sing N N 82  
GLN N   CA   sing N N 83  
GLN N   H    sing N N 84  
GLN N   H2   sing N N 85  
GLN CA  C    sing N N 86  
GLN CA  CB   sing N N 87  
GLN CA  HA   sing N N 88  
GLN C   O    doub N N 89  
GLN C   OXT  sing N N 90  
GLN CB  CG   sing N N 91  
GLN CB  HB2  sing N N 92  
GLN CB  HB3  sing N N 93  
GLN CG  CD   sing N N 94  
GLN CG  HG2  sing N N 95  
GLN CG  HG3  sing N N 96  
GLN CD  OE1  doub N N 97  
GLN CD  NE2  sing N N 98  
GLN NE2 HE21 sing N N 99  
GLN NE2 HE22 sing N N 100 
GLN OXT HXT  sing N N 101 
GLU N   CA   sing N N 102 
GLU N   H    sing N N 103 
GLU N   H2   sing N N 104 
GLU CA  C    sing N N 105 
GLU CA  CB   sing N N 106 
GLU CA  HA   sing N N 107 
GLU C   O    doub N N 108 
GLU C   OXT  sing N N 109 
GLU CB  CG   sing N N 110 
GLU CB  HB2  sing N N 111 
GLU CB  HB3  sing N N 112 
GLU CG  CD   sing N N 113 
GLU CG  HG2  sing N N 114 
GLU CG  HG3  sing N N 115 
GLU CD  OE1  doub N N 116 
GLU CD  OE2  sing N N 117 
GLU OE2 HE2  sing N N 118 
GLU OXT HXT  sing N N 119 
GLY N   CA   sing N N 120 
GLY N   H    sing N N 121 
GLY N   H2   sing N N 122 
GLY CA  C    sing N N 123 
GLY CA  HA2  sing N N 124 
GLY CA  HA3  sing N N 125 
GLY C   O    doub N N 126 
GLY C   OXT  sing N N 127 
GLY OXT HXT  sing N N 128 
HIS N   CA   sing N N 129 
HIS N   H    sing N N 130 
HIS N   H2   sing N N 131 
HIS CA  C    sing N N 132 
HIS CA  CB   sing N N 133 
HIS CA  HA   sing N N 134 
HIS C   O    doub N N 135 
HIS C   OXT  sing N N 136 
HIS CB  CG   sing N N 137 
HIS CB  HB2  sing N N 138 
HIS CB  HB3  sing N N 139 
HIS CG  ND1  sing Y N 140 
HIS CG  CD2  doub Y N 141 
HIS ND1 CE1  doub Y N 142 
HIS ND1 HD1  sing N N 143 
HIS CD2 NE2  sing Y N 144 
HIS CD2 HD2  sing N N 145 
HIS CE1 NE2  sing Y N 146 
HIS CE1 HE1  sing N N 147 
HIS NE2 HE2  sing N N 148 
HIS OXT HXT  sing N N 149 
HOH O   H1   sing N N 150 
HOH O   H2   sing N N 151 
ILE N   CA   sing N N 152 
ILE N   H    sing N N 153 
ILE N   H2   sing N N 154 
ILE CA  C    sing N N 155 
ILE CA  CB   sing N N 156 
ILE CA  HA   sing N N 157 
ILE C   O    doub N N 158 
ILE C   OXT  sing N N 159 
ILE CB  CG1  sing N N 160 
ILE CB  CG2  sing N N 161 
ILE CB  HB   sing N N 162 
ILE CG1 CD1  sing N N 163 
ILE CG1 HG12 sing N N 164 
ILE CG1 HG13 sing N N 165 
ILE CG2 HG21 sing N N 166 
ILE CG2 HG22 sing N N 167 
ILE CG2 HG23 sing N N 168 
ILE CD1 HD11 sing N N 169 
ILE CD1 HD12 sing N N 170 
ILE CD1 HD13 sing N N 171 
ILE OXT HXT  sing N N 172 
LEU N   CA   sing N N 173 
LEU N   H    sing N N 174 
LEU N   H2   sing N N 175 
LEU CA  C    sing N N 176 
LEU CA  CB   sing N N 177 
LEU CA  HA   sing N N 178 
LEU C   O    doub N N 179 
LEU C   OXT  sing N N 180 
LEU CB  CG   sing N N 181 
LEU CB  HB2  sing N N 182 
LEU CB  HB3  sing N N 183 
LEU CG  CD1  sing N N 184 
LEU CG  CD2  sing N N 185 
LEU CG  HG   sing N N 186 
LEU CD1 HD11 sing N N 187 
LEU CD1 HD12 sing N N 188 
LEU CD1 HD13 sing N N 189 
LEU CD2 HD21 sing N N 190 
LEU CD2 HD22 sing N N 191 
LEU CD2 HD23 sing N N 192 
LEU OXT HXT  sing N N 193 
LYS N   CA   sing N N 194 
LYS N   H    sing N N 195 
LYS N   H2   sing N N 196 
LYS CA  C    sing N N 197 
LYS CA  CB   sing N N 198 
LYS CA  HA   sing N N 199 
LYS C   O    doub N N 200 
LYS C   OXT  sing N N 201 
LYS CB  CG   sing N N 202 
LYS CB  HB2  sing N N 203 
LYS CB  HB3  sing N N 204 
LYS CG  CD   sing N N 205 
LYS CG  HG2  sing N N 206 
LYS CG  HG3  sing N N 207 
LYS CD  CE   sing N N 208 
LYS CD  HD2  sing N N 209 
LYS CD  HD3  sing N N 210 
LYS CE  NZ   sing N N 211 
LYS CE  HE2  sing N N 212 
LYS CE  HE3  sing N N 213 
LYS NZ  HZ1  sing N N 214 
LYS NZ  HZ2  sing N N 215 
LYS NZ  HZ3  sing N N 216 
LYS OXT HXT  sing N N 217 
MET N   CA   sing N N 218 
MET N   H    sing N N 219 
MET N   H2   sing N N 220 
MET CA  C    sing N N 221 
MET CA  CB   sing N N 222 
MET CA  HA   sing N N 223 
MET C   O    doub N N 224 
MET C   OXT  sing N N 225 
MET CB  CG   sing N N 226 
MET CB  HB2  sing N N 227 
MET CB  HB3  sing N N 228 
MET CG  SD   sing N N 229 
MET CG  HG2  sing N N 230 
MET CG  HG3  sing N N 231 
MET SD  CE   sing N N 232 
MET CE  HE1  sing N N 233 
MET CE  HE2  sing N N 234 
MET CE  HE3  sing N N 235 
MET OXT HXT  sing N N 236 
PHE N   CA   sing N N 237 
PHE N   H    sing N N 238 
PHE N   H2   sing N N 239 
PHE CA  C    sing N N 240 
PHE CA  CB   sing N N 241 
PHE CA  HA   sing N N 242 
PHE C   O    doub N N 243 
PHE C   OXT  sing N N 244 
PHE CB  CG   sing N N 245 
PHE CB  HB2  sing N N 246 
PHE CB  HB3  sing N N 247 
PHE CG  CD1  doub Y N 248 
PHE CG  CD2  sing Y N 249 
PHE CD1 CE1  sing Y N 250 
PHE CD1 HD1  sing N N 251 
PHE CD2 CE2  doub Y N 252 
PHE CD2 HD2  sing N N 253 
PHE CE1 CZ   doub Y N 254 
PHE CE1 HE1  sing N N 255 
PHE CE2 CZ   sing Y N 256 
PHE CE2 HE2  sing N N 257 
PHE CZ  HZ   sing N N 258 
PHE OXT HXT  sing N N 259 
PRO N   CA   sing N N 260 
PRO N   CD   sing N N 261 
PRO N   H    sing N N 262 
PRO CA  C    sing N N 263 
PRO CA  CB   sing N N 264 
PRO CA  HA   sing N N 265 
PRO C   O    doub N N 266 
PRO C   OXT  sing N N 267 
PRO CB  CG   sing N N 268 
PRO CB  HB2  sing N N 269 
PRO CB  HB3  sing N N 270 
PRO CG  CD   sing N N 271 
PRO CG  HG2  sing N N 272 
PRO CG  HG3  sing N N 273 
PRO CD  HD2  sing N N 274 
PRO CD  HD3  sing N N 275 
PRO OXT HXT  sing N N 276 
SER N   CA   sing N N 277 
SER N   H    sing N N 278 
SER N   H2   sing N N 279 
SER CA  C    sing N N 280 
SER CA  CB   sing N N 281 
SER CA  HA   sing N N 282 
SER C   O    doub N N 283 
SER C   OXT  sing N N 284 
SER CB  OG   sing N N 285 
SER CB  HB2  sing N N 286 
SER CB  HB3  sing N N 287 
SER OG  HG   sing N N 288 
SER OXT HXT  sing N N 289 
THR N   CA   sing N N 290 
THR N   H    sing N N 291 
THR N   H2   sing N N 292 
THR CA  C    sing N N 293 
THR CA  CB   sing N N 294 
THR CA  HA   sing N N 295 
THR C   O    doub N N 296 
THR C   OXT  sing N N 297 
THR CB  OG1  sing N N 298 
THR CB  CG2  sing N N 299 
THR CB  HB   sing N N 300 
THR OG1 HG1  sing N N 301 
THR CG2 HG21 sing N N 302 
THR CG2 HG22 sing N N 303 
THR CG2 HG23 sing N N 304 
THR OXT HXT  sing N N 305 
TYR N   CA   sing N N 306 
TYR N   H    sing N N 307 
TYR N   H2   sing N N 308 
TYR CA  C    sing N N 309 
TYR CA  CB   sing N N 310 
TYR CA  HA   sing N N 311 
TYR C   O    doub N N 312 
TYR C   OXT  sing N N 313 
TYR CB  CG   sing N N 314 
TYR CB  HB2  sing N N 315 
TYR CB  HB3  sing N N 316 
TYR CG  CD1  doub Y N 317 
TYR CG  CD2  sing Y N 318 
TYR CD1 CE1  sing Y N 319 
TYR CD1 HD1  sing N N 320 
TYR CD2 CE2  doub Y N 321 
TYR CD2 HD2  sing N N 322 
TYR CE1 CZ   doub Y N 323 
TYR CE1 HE1  sing N N 324 
TYR CE2 CZ   sing Y N 325 
TYR CE2 HE2  sing N N 326 
TYR CZ  OH   sing N N 327 
TYR OH  HH   sing N N 328 
TYR OXT HXT  sing N N 329 
VAL N   CA   sing N N 330 
VAL N   H    sing N N 331 
VAL N   H2   sing N N 332 
VAL CA  C    sing N N 333 
VAL CA  CB   sing N N 334 
VAL CA  HA   sing N N 335 
VAL C   O    doub N N 336 
VAL C   OXT  sing N N 337 
VAL CB  CG1  sing N N 338 
VAL CB  CG2  sing N N 339 
VAL CB  HB   sing N N 340 
VAL CG1 HG11 sing N N 341 
VAL CG1 HG12 sing N N 342 
VAL CG1 HG13 sing N N 343 
VAL CG2 HG21 sing N N 344 
VAL CG2 HG22 sing N N 345 
VAL CG2 HG23 sing N N 346 
VAL OXT HXT  sing N N 347 
# 
_atom_sites.entry_id                    3VTN 
_atom_sites.fract_transf_matrix[1][1]   -0.02242686 
_atom_sites.fract_transf_matrix[1][2]   -0.00240193 
_atom_sites.fract_transf_matrix[1][3]   0.00951219 
_atom_sites.fract_transf_matrix[2][1]   -0.00913034 
_atom_sites.fract_transf_matrix[2][2]   0.01755910 
_atom_sites.fract_transf_matrix[2][3]   0.01440612 
_atom_sites.fract_transf_matrix[3][1]   -0.00538796 
_atom_sites.fract_transf_matrix[3][2]   0.00631272 
_atom_sites.fract_transf_matrix[3][3]   -0.01110914 
_atom_sites.fract_transf_vector[1]      0.334115 
_atom_sites.fract_transf_vector[2]      0.673489 
_atom_sites.fract_transf_vector[3]      -0.089341 
# 
loop_
_atom_type.symbol 
C  
FE 
N  
O  
PT 
S  
# 
loop_
_atom_site.group_PDB 
_atom_site.id 
_atom_site.type_symbol 
_atom_site.label_atom_id 
_atom_site.label_alt_id 
_atom_site.label_comp_id 
_atom_site.label_asym_id 
_atom_site.label_entity_id 
_atom_site.label_seq_id 
_atom_site.pdbx_PDB_ins_code 
_atom_site.Cartn_x 
_atom_site.Cartn_y 
_atom_site.Cartn_z 
_atom_site.occupancy 
_atom_site.B_iso_or_equiv 
_atom_site.pdbx_formal_charge 
_atom_site.auth_seq_id 
_atom_site.auth_comp_id 
_atom_site.auth_asym_id 
_atom_site.auth_atom_id 
_atom_site.pdbx_PDB_model_num 
ATOM   1   N  N   . ARG A 1 17 ? -16.489 7.314   -15.272 1.00 41.31  ? 113 ARG A N   1 
ATOM   2   C  CA  . ARG A 1 17 ? -16.491 8.805   -15.136 1.00 40.87  ? 113 ARG A CA  1 
ATOM   3   C  C   . ARG A 1 17 ? -15.220 9.357   -14.471 1.00 39.89  ? 113 ARG A C   1 
ATOM   4   O  O   . ARG A 1 17 ? -14.934 9.067   -13.307 1.00 40.02  ? 113 ARG A O   1 
ATOM   5   C  CB  . ARG A 1 17 ? -17.741 9.263   -14.391 1.00 41.70  ? 113 ARG A CB  1 
ATOM   6   C  CG  . ARG A 1 17 ? -17.723 10.737  -14.019 1.00 44.33  ? 113 ARG A CG  1 
ATOM   7   C  CD  . ARG A 1 17 ? -19.121 11.347  -14.001 1.00 49.45  ? 113 ARG A CD  1 
ATOM   8   N  NE  . ARG A 1 17 ? -19.047 12.812  -14.022 1.00 52.94  ? 113 ARG A NE  1 
ATOM   9   C  CZ  . ARG A 1 17 ? -18.688 13.542  -15.085 1.00 55.57  ? 113 ARG A CZ  1 
ATOM   10  N  NH1 . ARG A 1 17 ? -18.361 12.961  -16.242 1.00 55.24  ? 113 ARG A NH1 1 
ATOM   11  N  NH2 . ARG A 1 17 ? -18.652 14.871  -14.990 1.00 55.68  ? 113 ARG A NH2 1 
ATOM   12  N  N   . ILE A 1 18 ? -14.468 10.146  -15.229 1.00 38.55  ? 114 ILE A N   1 
ATOM   13  C  CA  . ILE A 1 18 ? -13.275 10.800  -14.731 1.00 37.92  ? 114 ILE A CA  1 
ATOM   14  C  C   . ILE A 1 18 ? -13.529 12.299  -14.772 1.00 37.61  ? 114 ILE A C   1 
ATOM   15  O  O   . ILE A 1 18 ? -13.696 12.874  -15.859 1.00 37.36  ? 114 ILE A O   1 
ATOM   16  C  CB  . ILE A 1 18 ? -12.008 10.411  -15.557 1.00 37.93  ? 114 ILE A CB  1 
ATOM   17  C  CG1 . ILE A 1 18 ? -11.737 8.902   -15.442 1.00 38.85  ? 114 ILE A CG1 1 
ATOM   18  C  CG2 . ILE A 1 18 ? -10.790 11.241  -15.133 1.00 37.63  ? 114 ILE A CG2 1 
ATOM   19  C  CD1 . ILE A 1 18 ? -10.488 8.405   -16.168 1.00 41.04  ? 114 ILE A CD1 1 
ATOM   20  N  N   . ARG A 1 19 ? -13.591 12.925  -13.592 1.00 36.98  ? 115 ARG A N   1 
ATOM   21  C  CA  . ARG A 1 19 ? -13.733 14.385  -13.485 1.00 36.65  ? 115 ARG A CA  1 
ATOM   22  C  C   . ARG A 1 19 ? -12.424 15.080  -13.126 1.00 36.26  ? 115 ARG A C   1 
ATOM   23  O  O   . ARG A 1 19 ? -11.729 14.681  -12.189 1.00 35.80  ? 115 ARG A O   1 
ATOM   24  C  CB  . ARG A 1 19 ? -14.783 14.772  -12.439 1.00 36.61  ? 115 ARG A CB  1 
ATOM   25  C  CG  . ARG A 1 19 ? -16.122 14.107  -12.592 1.00 39.42  ? 115 ARG A CG  1 
ATOM   26  C  CD  . ARG A 1 19 ? -17.157 14.814  -11.748 1.00 41.43  ? 115 ARG A CD  1 
ATOM   27  N  NE  . ARG A 1 19 ? -17.053 16.263  -11.921 1.00 44.74  ? 115 ARG A NE  1 
ATOM   28  C  CZ  . ARG A 1 19 ? -18.022 17.130  -11.638 1.00 45.40  ? 115 ARG A CZ  1 
ATOM   29  N  NH1 . ARG A 1 19 ? -19.198 16.694  -11.175 1.00 45.81  ? 115 ARG A NH1 1 
ATOM   30  N  NH2 . ARG A 1 19 ? -17.815 18.428  -11.834 1.00 44.80  ? 115 ARG A NH2 1 
ATOM   31  N  N   . LEU A 1 20 ? -12.113 16.135  -13.873 1.00 35.61  ? 116 LEU A N   1 
ATOM   32  C  CA  . LEU A 1 20 ? -11.022 17.045  -13.572 1.00 35.44  ? 116 LEU A CA  1 
ATOM   33  C  C   . LEU A 1 20 ? -11.616 18.346  -13.050 1.00 35.11  ? 116 LEU A C   1 
ATOM   34  O  O   . LEU A 1 20 ? -12.642 18.819  -13.543 1.00 36.03  ? 116 LEU A O   1 
ATOM   35  C  CB  . LEU A 1 20 ? -10.190 17.296  -14.825 1.00 36.13  ? 116 LEU A CB  1 
ATOM   36  C  CG  . LEU A 1 20 ? -9.062  16.291  -15.061 1.00 36.38  ? 116 LEU A CG  1 
ATOM   37  C  CD1 . LEU A 1 20 ? -9.540  14.868  -15.050 1.00 36.26  ? 116 LEU A CD1 1 
ATOM   38  C  CD2 . LEU A 1 20 ? -8.397  16.606  -16.389 1.00 40.06  ? 116 LEU A CD2 1 
ATOM   39  N  N   . THR A 1 21 ? -10.974 18.922  -12.049 1.00 33.94  ? 117 THR A N   1 
ATOM   40  C  CA  . THR A 1 21 ? -11.595 19.946  -11.257 1.00 31.96  ? 117 THR A CA  1 
ATOM   41  C  C   . THR A 1 21 ? -10.697 21.200  -11.138 1.00 31.74  ? 117 THR A C   1 
ATOM   42  O  O   . THR A 1 21 ? -9.503  21.124  -10.846 1.00 30.78  ? 117 THR A O   1 
ATOM   43  C  CB  . THR A 1 21 ? -11.968 19.315  -9.901  1.00 32.17  ? 117 THR A CB  1 
ATOM   44  O  OG1 . THR A 1 21 ? -13.283 18.725  -9.969  1.00 31.29  ? 117 THR A OG1 1 
ATOM   45  C  CG2 . THR A 1 21 ? -11.889 20.245  -8.816  1.00 30.04  ? 117 THR A CG2 1 
ATOM   46  N  N   . LYS A 1 22 ? -11.279 22.357  -11.410 1.00 31.86  ? 118 LYS A N   1 
ATOM   47  C  CA  . LYS A 1 22 ? -10.652 23.604  -11.025 1.00 32.02  ? 118 LYS A CA  1 
ATOM   48  C  C   . LYS A 1 22 ? -10.639 23.461  -9.504  1.00 31.58  ? 118 LYS A C   1 
ATOM   49  O  O   . LYS A 1 22 ? -11.546 22.866  -8.929  1.00 34.11  ? 118 LYS A O   1 
ATOM   50  C  CB  . LYS A 1 22 ? -11.529 24.777  -11.486 1.00 32.24  ? 118 LYS A CB  1 
ATOM   51  C  CG  . LYS A 1 22 ? -12.003 24.645  -12.927 1.00 33.82  ? 118 LYS A CG  1 
ATOM   52  C  CD  . LYS A 1 22 ? -11.056 25.384  -13.851 1.00 39.73  ? 118 LYS A CD  1 
ATOM   53  C  CE  . LYS A 1 22 ? -10.972 24.747  -15.241 1.00 42.58  ? 118 LYS A CE  1 
ATOM   54  N  NZ  . LYS A 1 22 ? -9.806  25.322  -16.019 1.00 44.34  ? 118 LYS A NZ  1 
ATOM   55  N  N   . ASP A 1 23 ? -9.623  23.960  -8.845  1.00 29.99  ? 119 ASP A N   1 
ATOM   56  C  CA  . ASP A 1 23 ? -9.417  23.704  -7.411  1.00 26.34  ? 119 ASP A CA  1 
ATOM   57  C  C   . ASP A 1 23 ? -8.511  22.500  -7.219  1.00 24.60  ? 119 ASP A C   1 
ATOM   58  O  O   . ASP A 1 23 ? -7.891  22.351  -6.151  1.00 24.27  ? 119 ASP A O   1 
ATOM   59  C  CB  . ASP A 1 23 ? -10.695 23.727  -6.519  1.00 26.28  ? 119 ASP A CB  1 
ATOM   60  C  CG  . ASP A 1 23 ? -11.410 22.359  -6.398  1.00 24.85  ? 119 ASP A CG  1 
ATOM   61  O  OD1 . ASP A 1 23 ? -11.212 21.665  -5.365  1.00 24.88  ? 119 ASP A OD1 1 
ATOM   62  O  OD2 . ASP A 1 23 ? -12.192 22.018  -7.314  1.00 22.99  ? 119 ASP A OD2 1 
ATOM   63  N  N   . GLY A 1 24 ? -8.402  21.679  -8.268  1.00 21.95  ? 120 GLY A N   1 
ATOM   64  C  CA  . GLY A 1 24 ? -7.322  20.681  -8.360  1.00 22.10  ? 120 GLY A CA  1 
ATOM   65  C  C   . GLY A 1 24 ? -7.623  19.236  -7.948  1.00 20.80  ? 120 GLY A C   1 
ATOM   66  O  O   . GLY A 1 24 ? -6.692  18.504  -7.615  1.00 20.32  ? 120 GLY A O   1 
ATOM   67  N  N   . ARG A 1 25 ? -8.895  18.830  -7.978  1.00 19.63  ? 121 ARG A N   1 
ATOM   68  C  CA  . ARG A 1 25 ? -9.290  17.421  -7.710  1.00 18.90  ? 121 ARG A CA  1 
ATOM   69  C  C   . ARG A 1 25 ? -9.387  16.621  -9.029  1.00 19.99  ? 121 ARG A C   1 
ATOM   70  O  O   . ARG A 1 25 ? -9.908  17.097  -10.035 1.00 21.58  ? 121 ARG A O   1 
ATOM   71  C  CB  . ARG A 1 25 ? -10.635 17.357  -6.992  1.00 18.23  ? 121 ARG A CB  1 
ATOM   72  C  CG  . ARG A 1 25 ? -10.615 18.028  -5.644  1.00 17.46  ? 121 ARG A CG  1 
ATOM   73  C  CD  . ARG A 1 25 ? -11.994 18.135  -5.010  1.00 19.13  ? 121 ARG A CD  1 
ATOM   74  N  NE  . ARG A 1 25 ? -12.762 19.178  -5.687  1.00 19.25  ? 121 ARG A NE  1 
ATOM   75  C  CZ  . ARG A 1 25 ? -14.004 19.096  -6.162  1.00 17.59  ? 121 ARG A CZ  1 
ATOM   76  N  NH1 . ARG A 1 25 ? -14.766 18.008  -5.996  1.00 19.99  ? 121 ARG A NH1 1 
ATOM   77  N  NH2 . ARG A 1 25 ? -14.499 20.157  -6.777  1.00 17.56  ? 121 ARG A NH2 1 
ATOM   78  N  N   . CYS A 1 26 ? -8.832  15.410  -9.026  1.00 20.24  ? 122 CYS A N   1 
ATOM   79  C  CA  . CYS A 1 26 ? -9.015  14.433  -10.089 1.00 21.07  ? 122 CYS A CA  1 
ATOM   80  C  C   . CYS A 1 26 ? -9.794  13.262  -9.500  1.00 19.44  ? 122 CYS A C   1 
ATOM   81  O  O   . CYS A 1 26 ? -9.277  12.558  -8.618  1.00 20.92  ? 122 CYS A O   1 
ATOM   82  C  CB  . CYS A 1 26 ? -7.647  13.941  -10.586 1.00 21.00  ? 122 CYS A CB  1 
ATOM   83  S  SG  . CYS A 1 26 ? -7.750  12.482  -11.670 1.00 32.79  ? 122 CYS A SG  1 
ATOM   84  N  N   . ILE A 1 27 ? -11.029 13.091  -9.947  1.00 18.99  ? 123 ILE A N   1 
ATOM   85  C  CA  . ILE A 1 27 ? -11.988 12.139  -9.381  1.00 20.09  ? 123 ILE A CA  1 
ATOM   86  C  C   . ILE A 1 27 ? -12.308 11.069  -10.405 1.00 20.80  ? 123 ILE A C   1 
ATOM   87  O  O   . ILE A 1 27 ? -12.779 11.374  -11.492 1.00 20.05  ? 123 ILE A O   1 
ATOM   88  C  CB  . ILE A 1 27 ? -13.280 12.843  -8.937  1.00 19.74  ? 123 ILE A CB  1 
ATOM   89  C  CG1 . ILE A 1 27 ? -12.910 14.087  -8.143  1.00 20.54  ? 123 ILE A CG1 1 
ATOM   90  C  CG2 . ILE A 1 27 ? -14.205 11.882  -8.138  1.00 21.18  ? 123 ILE A CG2 1 
ATOM   91  C  CD1 . ILE A 1 27 ? -14.018 15.128  -7.978  1.00 20.18  ? 123 ILE A CD1 1 
ATOM   92  N  N   . ILE A 1 28 ? -12.027 9.818   -10.053 1.00 20.93  ? 124 ILE A N   1 
ATOM   93  C  CA  . ILE A 1 28 ? -12.397 8.669   -10.889 1.00 21.40  ? 124 ILE A CA  1 
ATOM   94  C  C   . ILE A 1 28 ? -13.442 7.876   -10.123 1.00 21.30  ? 124 ILE A C   1 
ATOM   95  O  O   . ILE A 1 28 ? -13.157 7.351   -9.026  1.00 22.29  ? 124 ILE A O   1 
ATOM   96  C  CB  . ILE A 1 28 ? -11.207 7.728   -11.180 1.00 20.94  ? 124 ILE A CB  1 
ATOM   97  C  CG1 . ILE A 1 28 ? -10.066 8.449   -11.905 1.00 22.30  ? 124 ILE A CG1 1 
ATOM   98  C  CG2 . ILE A 1 28 ? -11.707 6.519   -11.969 1.00 22.19  ? 124 ILE A CG2 1 
ATOM   99  C  CD1 . ILE A 1 28 ? -8.670  7.849   -11.625 1.00 25.17  ? 124 ILE A CD1 1 
ATOM   100 N  N   . THR A 1 29 ? -14.659 7.793   -10.674 1.00 22.45  ? 125 THR A N   1 
ATOM   101 C  CA  . THR A 1 29 ? -15.781 7.092   -10.034 1.00 22.93  ? 125 THR A CA  1 
ATOM   102 C  C   . THR A 1 29 ? -16.347 5.946   -10.887 1.00 23.68  ? 125 THR A C   1 
ATOM   103 O  O   . THR A 1 29 ? -16.967 6.186   -11.928 1.00 23.89  ? 125 THR A O   1 
ATOM   104 C  CB  . THR A 1 29 ? -16.937 8.060   -9.641  1.00 24.06  ? 125 THR A CB  1 
ATOM   105 O  OG1 . THR A 1 29 ? -16.391 9.255   -9.091  1.00 26.09  ? 125 THR A OG1 1 
ATOM   106 C  CG2 . THR A 1 29 ? -17.842 7.434   -8.585  1.00 25.34  ? 125 THR A CG2 1 
ATOM   107 N  N   . CYS A 1 30 ? -16.131 4.706   -10.461 1.00 23.00  ? 126 CYS A N   1 
ATOM   108 C  CA  . CYS A 1 30 ? -16.698 3.540   -11.161 1.00 24.62  ? 126 CYS A CA  1 
ATOM   109 C  C   . CYS A 1 30 ? -16.862 2.321   -10.255 1.00 22.19  ? 126 CYS A C   1 
ATOM   110 O  O   . CYS A 1 30 ? -16.732 2.431   -9.047  1.00 21.02  ? 126 CYS A O   1 
ATOM   111 C  CB  . CYS A 1 30 ? -15.788 3.167   -12.295 1.00 25.82  ? 126 CYS A CB  1 
ATOM   112 S  SG  . CYS A 1 30 ? -14.208 2.991   -11.649 1.00 35.48  ? 126 CYS A SG  1 
ATOM   113 N  N   . LYS A 1 31 ? -17.148 1.149   -10.841 1.00 21.21  ? 127 LYS A N   1 
ATOM   114 C  CA  . LYS A 1 31 ? -17.335 -0.042  -10.029 1.00 18.74  ? 127 LYS A CA  1 
ATOM   115 C  C   . LYS A 1 31 ? -16.031 -0.690  -9.699  1.00 16.77  ? 127 LYS A C   1 
ATOM   116 O  O   . LYS A 1 31 ? -15.775 -1.082  -8.563  1.00 14.74  ? 127 LYS A O   1 
ATOM   117 C  CB  . LYS A 1 31 ? -18.208 -1.062  -10.769 1.00 19.82  ? 127 LYS A CB  1 
ATOM   118 C  CG  . LYS A 1 31 ? -19.652 -0.666  -10.784 1.00 22.13  ? 127 LYS A CG  1 
ATOM   119 C  CD  . LYS A 1 31 ? -20.439 -1.888  -11.215 1.00 26.71  ? 127 LYS A CD  1 
ATOM   120 C  CE  . LYS A 1 31 ? -21.778 -1.504  -11.809 1.00 31.32  ? 127 LYS A CE  1 
ATOM   121 N  NZ  . LYS A 1 31 ? -22.430 -2.761  -12.353 1.00 31.21  ? 127 LYS A NZ  1 
ATOM   122 N  N   . THR A 1 32 ? -15.202 -0.821  -10.711 1.00 15.96  ? 128 THR A N   1 
ATOM   123 C  CA  . THR A 1 32 ? -13.870 -1.365  -10.518 1.00 14.47  ? 128 THR A CA  1 
ATOM   124 C  C   . THR A 1 32 ? -12.885 -0.508  -11.280 1.00 13.86  ? 128 THR A C   1 
ATOM   125 O  O   . THR A 1 32 ? -13.150 -0.028  -12.382 1.00 13.98  ? 128 THR A O   1 
ATOM   126 C  CB  . THR A 1 32 ? -13.770 -2.880  -10.968 1.00 13.11  ? 128 THR A CB  1 
ATOM   127 O  OG1 . THR A 1 32 ? -12.541 -3.466  -10.473 1.00 15.30  ? 128 THR A OG1 1 
ATOM   128 C  CG2 . THR A 1 32 ? -13.806 -3.004  -12.424 1.00 15.35  ? 128 THR A CG2 1 
ATOM   129 N  N   . VAL A 1 33 ? -11.718 -0.305  -10.679 1.00 13.07  ? 129 VAL A N   1 
ATOM   130 C  CA  . VAL A 1 33 ? -10.620 0.370   -11.394 1.00 12.47  ? 129 VAL A CA  1 
ATOM   131 C  C   . VAL A 1 33 ? -9.543  -0.645  -11.634 1.00 12.00  ? 129 VAL A C   1 
ATOM   132 O  O   . VAL A 1 33 ? -9.110  -1.298  -10.687 1.00 13.10  ? 129 VAL A O   1 
ATOM   133 C  CB  . VAL A 1 33 ? -10.042 1.607   -10.603 1.00 12.22  ? 129 VAL A CB  1 
ATOM   134 C  CG1 . VAL A 1 33 ? -8.860  2.243   -11.389 1.00 14.60  ? 129 VAL A CG1 1 
ATOM   135 C  CG2 . VAL A 1 33 ? -11.147 2.607   -10.384 1.00 16.53  ? 129 VAL A CG2 1 
ATOM   136 N  N   . GLU A 1 34 ? -9.158  -0.811  -12.893 1.00 11.97  ? 130 GLU A N   1 
ATOM   137 C  CA  . GLU A 1 34 ? -8.103  -1.754  -13.303 1.00 13.84  ? 130 GLU A CA  1 
ATOM   138 C  C   . GLU A 1 34 ? -6.959  -1.050  -13.971 1.00 14.21  ? 130 GLU A C   1 
ATOM   139 O  O   . GLU A 1 34 ? -7.107  -0.461  -15.050 1.00 15.89  ? 130 GLU A O   1 
ATOM   140 C  CB  . GLU A 1 34 ? -8.668  -2.815  -14.245 1.00 14.26  ? 130 GLU A CB  1 
ATOM   141 C  CG  . GLU A 1 34 ? -9.617  -3.727  -13.538 1.00 18.48  ? 130 GLU A CG  1 
ATOM   142 C  CD  . GLU A 1 34 ? -10.407 -4.573  -14.502 1.00 26.33  ? 130 GLU A CD  1 
ATOM   143 O  OE1 . GLU A 1 34 ? -10.598 -4.161  -15.678 1.00 31.50  ? 130 GLU A OE1 1 
ATOM   144 O  OE2 . GLU A 1 34 ? -10.861 -5.635  -14.065 1.00 28.47  ? 130 GLU A OE2 1 
ATOM   145 N  N   . VAL A 1 35 ? -5.796  -1.115  -13.325 1.00 13.71  ? 131 VAL A N   1 
ATOM   146 C  CA  . VAL A 1 35 ? -4.604  -0.518  -13.882 1.00 14.73  ? 131 VAL A CA  1 
ATOM   147 C  C   . VAL A 1 35 ? -3.699  -1.611  -14.368 1.00 13.63  ? 131 VAL A C   1 
ATOM   148 O  O   . VAL A 1 35 ? -3.343  -2.508  -13.628 1.00 15.32  ? 131 VAL A O   1 
ATOM   149 C  CB  . VAL A 1 35 ? -3.859  0.342   -12.825 1.00 13.02  ? 131 VAL A CB  1 
ATOM   150 C  CG1 . VAL A 1 35 ? -2.551  0.858   -13.425 1.00 16.22  ? 131 VAL A CG1 1 
ATOM   151 C  CG2 . VAL A 1 35 ? -4.747  1.469   -12.251 1.00 15.65  ? 131 VAL A CG2 1 
ATOM   152 N  N   . TYR A 1 36 ? -3.303  -1.560  -15.639 1.00 15.33  ? 132 TYR A N   1 
ATOM   153 C  CA  . TYR A 1 36 ? -2.398  -2.569  -16.170 1.00 16.22  ? 132 TYR A CA  1 
ATOM   154 C  C   . TYR A 1 36 ? -1.190  -1.756  -16.602 1.00 16.70  ? 132 TYR A C   1 
ATOM   155 O  O   . TYR A 1 36 ? -1.262  -0.996  -17.582 1.00 18.35  ? 132 TYR A O   1 
ATOM   156 C  CB  . TYR A 1 36 ? -3.010  -3.243  -17.402 1.00 17.90  ? 132 TYR A CB  1 
ATOM   157 C  CG  . TYR A 1 36 ? -4.189  -4.114  -17.045 1.00 17.72  ? 132 TYR A CG  1 
ATOM   158 C  CD1 . TYR A 1 36 ? -3.997  -5.368  -16.484 1.00 22.92  ? 132 TYR A CD1 1 
ATOM   159 C  CD2 . TYR A 1 36 ? -5.483  -3.672  -17.257 1.00 22.72  ? 132 TYR A CD2 1 
ATOM   160 C  CE1 . TYR A 1 36 ? -5.092  -6.165  -16.127 1.00 25.66  ? 132 TYR A CE1 1 
ATOM   161 C  CE2 . TYR A 1 36 ? -6.566  -4.448  -16.914 1.00 24.68  ? 132 TYR A CE2 1 
ATOM   162 C  CZ  . TYR A 1 36 ? -6.367  -5.676  -16.353 1.00 25.41  ? 132 TYR A CZ  1 
ATOM   163 O  OH  . TYR A 1 36 ? -7.469  -6.440  -16.012 1.00 30.63  ? 132 TYR A OH  1 
ATOM   164 N  N   . ALA A 1 37 ? -0.123  -1.836  -15.823 1.00 14.78  ? 133 ALA A N   1 
ATOM   165 C  CA  . ALA A 1 37 ? 1.068   -1.034  -16.163 1.00 14.87  ? 133 ALA A CA  1 
ATOM   166 C  C   . ALA A 1 37 ? 2.194   -1.986  -16.330 1.00 13.75  ? 133 ALA A C   1 
ATOM   167 O  O   . ALA A 1 37 ? 2.693   -2.618  -15.398 1.00 14.42  ? 133 ALA A O   1 
ATOM   168 C  CB  . ALA A 1 37 ? 1.385   0.045   -15.084 1.00 14.33  ? 133 ALA A CB  1 
ATOM   169 N  N   . ASP A 1 38 ? 2.596   -2.108  -17.582 1.00 15.49  ? 134 ASP A N   1 
ATOM   170 C  CA  . ASP A 1 38 ? 3.530   -3.131  -18.026 1.00 17.17  ? 134 ASP A CA  1 
ATOM   171 C  C   . ASP A 1 38 ? 4.849   -3.165  -17.219 1.00 15.73  ? 134 ASP A C   1 
ATOM   172 O  O   . ASP A 1 38 ? 5.414   -4.219  -16.946 1.00 16.40  ? 134 ASP A O   1 
ATOM   173 C  CB  . ASP A 1 38 ? 3.794   -2.800  -19.507 1.00 19.55  ? 134 ASP A CB  1 
ATOM   174 C  CG  . ASP A 1 38 ? 4.565   -3.846  -20.221 1.00 25.27  ? 134 ASP A CG  1 
ATOM   175 O  OD1 . ASP A 1 38 ? 3.930   -4.770  -20.802 1.00 35.06  ? 134 ASP A OD1 1 
ATOM   176 O  OD2 . ASP A 1 38 ? 5.815   -3.708  -20.258 1.00 30.85  ? 134 ASP A OD2 1 
ATOM   177 N  N   . GLU A 1 39 ? 5.313   -1.969  -16.869 1.00 13.96  ? 135 GLU A N   1 
ATOM   178 C  CA  . GLU A 1 39 ? 6.588   -1.781  -16.186 1.00 13.19  ? 135 GLU A CA  1 
ATOM   179 C  C   . GLU A 1 39 ? 6.494   -1.338  -14.727 1.00 11.40  ? 135 GLU A C   1 
ATOM   180 O  O   . GLU A 1 39 ? 7.057   -1.995  -13.888 1.00 11.56  ? 135 GLU A O   1 
ATOM   181 C  CB  . GLU A 1 39 ? 7.433   -0.782  -16.940 1.00 12.49  ? 135 GLU A CB  1 
ATOM   182 C  CG  . GLU A 1 39 ? 7.850   -1.399  -18.296 1.00 17.49  ? 135 GLU A CG  1 
ATOM   183 C  CD  . GLU A 1 39 ? 8.425   -0.425  -19.296 1.00 17.50  ? 135 GLU A CD  1 
ATOM   184 O  OE1 . GLU A 1 39 ? 8.421   0.788   -19.072 1.00 16.20  ? 135 GLU A OE1 1 
ATOM   185 O  OE2 . GLU A 1 39 ? 8.888   -0.918  -20.359 1.00 16.93  ? 135 GLU A OE2 1 
ATOM   186 N  N   . SER A 1 40 ? 5.776   -0.255  -14.458 1.00 12.12  ? 136 SER A N   1 
ATOM   187 C  CA  . SER A 1 40 ? 5.698   0.232   -13.062 1.00 9.76   ? 136 SER A CA  1 
ATOM   188 C  C   . SER A 1 40 ? 4.557   1.203   -12.869 1.00 9.50   ? 136 SER A C   1 
ATOM   189 O  O   . SER A 1 40 ? 4.040   1.805   -13.831 1.00 9.89   ? 136 SER A O   1 
ATOM   190 C  CB  . SER A 1 40 ? 7.010   0.940   -12.720 1.00 8.38   ? 136 SER A CB  1 
ATOM   191 O  OG  . SER A 1 40 ? 7.204   2.054   -13.548 1.00 12.12  ? 136 SER A OG  1 
ATOM   192 N  N   . MET A 1 41 ? 4.206   1.419   -11.607 1.00 10.21  ? 137 MET A N   1 
ATOM   193 C  CA  . MET A 1 41 ? 3.356   2.558   -11.279 1.00 9.56   ? 137 MET A CA  1 
ATOM   194 C  C   . MET A 1 41 ? 4.034   3.334   -10.204 1.00 7.96   ? 137 MET A C   1 
ATOM   195 O  O   . MET A 1 41 ? 4.522   2.737   -9.233  1.00 9.40   ? 137 MET A O   1 
ATOM   196 C  CB  . MET A 1 41 ? 2.002   2.086   -10.752 1.00 10.27  ? 137 MET A CB  1 
ATOM   197 C  CG  . MET A 1 41 ? 1.080   3.296   -10.408 1.00 11.07  ? 137 MET A CG  1 
ATOM   198 S  SD  . MET A 1 41 ? -0.582  2.620   -10.184 1.00 14.19  ? 137 MET A SD  1 
ATOM   199 C  CE  . MET A 1 41 ? -1.393  4.071   -9.507  1.00 14.98  ? 137 MET A CE  1 
ATOM   200 N  N   . THR A 1 42 ? 3.961   4.651   -10.299 1.00 9.33   ? 138 THR A N   1 
ATOM   201 C  CA  . THR A 1 42 ? 4.557   5.484   -9.240  1.00 12.34  ? 138 THR A CA  1 
ATOM   202 C  C   . THR A 1 42 ? 3.509   6.474   -8.790  1.00 11.71  ? 138 THR A C   1 
ATOM   203 O  O   . THR A 1 42 ? 2.863   7.132   -9.604  1.00 14.44  ? 138 THR A O   1 
ATOM   204 C  CB  . THR A 1 42 ? 5.848   6.198   -9.715  1.00 12.81  ? 138 THR A CB  1 
ATOM   205 O  OG1 . THR A 1 42 ? 5.535   7.027   -10.814 1.00 22.80  ? 138 THR A OG1 1 
ATOM   206 C  CG2 . THR A 1 42 ? 6.814   5.214   -10.219 1.00 13.20  ? 138 THR A CG2 1 
ATOM   207 N  N   . VAL A 1 43 ? 3.304   6.525   -7.482  1.00 12.43  ? 139 VAL A N   1 
ATOM   208 C  CA  . VAL A 1 43 ? 2.334   7.453   -6.866  1.00 10.75  ? 139 VAL A CA  1 
ATOM   209 C  C   . VAL A 1 43 ? 3.157   8.431   -6.019  1.00 10.33  ? 139 VAL A C   1 
ATOM   210 O  O   . VAL A 1 43 ? 3.692   8.079   -4.958  1.00 10.82  ? 139 VAL A O   1 
ATOM   211 C  CB  . VAL A 1 43 ? 1.354   6.683   -5.951  1.00 11.09  ? 139 VAL A CB  1 
ATOM   212 C  CG1 . VAL A 1 43 ? 0.400   7.664   -5.238  1.00 12.54  ? 139 VAL A CG1 1 
ATOM   213 C  CG2 . VAL A 1 43 ? 0.539   5.691   -6.747  1.00 10.97  ? 139 VAL A CG2 1 
ATOM   214 N  N   . ASP A 1 44 ? 3.315   9.629   -6.534  1.00 11.07  ? 140 ASP A N   1 
ATOM   215 C  CA  . ASP A 1 44 ? 4.142   10.639  -5.875  1.00 12.39  ? 140 ASP A CA  1 
ATOM   216 C  C   . ASP A 1 44 ? 3.205   11.609  -5.191  1.00 10.75  ? 140 ASP A C   1 
ATOM   217 O  O   . ASP A 1 44 ? 2.691   12.534  -5.847  1.00 12.16  ? 140 ASP A O   1 
ATOM   218 C  CB  . ASP A 1 44 ? 4.929   11.376  -6.937  1.00 13.72  ? 140 ASP A CB  1 
ATOM   219 C  CG  . ASP A 1 44 ? 5.954   12.309  -6.354  1.00 18.49  ? 140 ASP A CG  1 
ATOM   220 O  OD1 . ASP A 1 44 ? 6.077   12.512  -5.119  1.00 22.28  ? 140 ASP A OD1 1 
ATOM   221 O  OD2 . ASP A 1 44 ? 6.723   12.846  -7.185  1.00 27.36  ? 140 ASP A OD2 1 
ATOM   222 N  N   . THR A 1 45 ? 2.960   11.368  -3.907  1.00 10.67  ? 141 THR A N   1 
ATOM   223 C  CA  . THR A 1 45 ? 2.037   12.177  -3.114  1.00 11.72  ? 141 THR A CA  1 
ATOM   224 C  C   . THR A 1 45 ? 2.459   12.058  -1.641  1.00 11.99  ? 141 THR A C   1 
ATOM   225 O  O   . THR A 1 45 ? 2.964   11.029  -1.243  1.00 11.38  ? 141 THR A O   1 
ATOM   226 C  CB  . THR A 1 45 ? 0.564   11.739  -3.394  1.00 12.87  ? 141 THR A CB  1 
ATOM   227 O  OG1 . THR A 1 45 ? -0.337  12.634  -2.741  1.00 14.35  ? 141 THR A OG1 1 
ATOM   228 C  CG2 . THR A 1 45 ? 0.251   10.408  -2.813  1.00 13.67  ? 141 THR A CG2 1 
ATOM   229 N  N   . PRO A 1 46 ? 2.252   13.111  -0.812  1.00 10.79  ? 142 PRO A N   1 
ATOM   230 C  CA  . PRO A 1 46 ? 2.653   13.044  0.583   1.00 11.21  ? 142 PRO A CA  1 
ATOM   231 C  C   . PRO A 1 46 ? 1.942   11.974  1.357   1.00 9.44   ? 142 PRO A C   1 
ATOM   232 O  O   . PRO A 1 46 ? 2.536   11.424  2.331   1.00 11.28  ? 142 PRO A O   1 
ATOM   233 C  CB  . PRO A 1 46 ? 2.306   14.418  1.123   1.00 10.97  ? 142 PRO A CB  1 
ATOM   234 C  CG  . PRO A 1 46 ? 2.366   15.293  -0.092  1.00 11.09  ? 142 PRO A CG  1 
ATOM   235 C  CD  . PRO A 1 46 ? 1.940   14.478  -1.243  1.00 11.45  ? 142 PRO A CD  1 
ATOM   236 N  N   . ARG A 1 47 ? 0.675   11.711  1.002   1.00 10.53  ? 143 ARG A N   1 
ATOM   237 C  CA  . ARG A 1 47 ? -0.095  10.682  1.730   1.00 9.29   ? 143 ARG A CA  1 
ATOM   238 C  C   . ARG A 1 47 ? -1.144  10.028  0.831   1.00 8.61   ? 143 ARG A C   1 
ATOM   239 O  O   . ARG A 1 47 ? -1.930  10.710  0.157   1.00 9.80   ? 143 ARG A O   1 
ATOM   240 C  CB  . ARG A 1 47 ? -0.870  11.377  2.883   1.00 10.97  ? 143 ARG A CB  1 
ATOM   241 C  CG  . ARG A 1 47 ? -1.621  10.396  3.721   1.00 12.94  ? 143 ARG A CG  1 
ATOM   242 C  CD  . ARG A 1 47 ? -2.004  11.046  5.034   1.00 15.86  ? 143 ARG A CD  1 
ATOM   243 N  NE  . ARG A 1 47 ? -2.264  10.000  6.003   1.00 24.12  ? 143 ARG A NE  1 
ATOM   244 C  CZ  . ARG A 1 47 ? -1.385  9.437   6.826   1.00 17.30  ? 143 ARG A CZ  1 
ATOM   245 N  NH1 . ARG A 1 47 ? -0.114  9.848   6.929   1.00 19.91  ? 143 ARG A NH1 1 
ATOM   246 N  NH2 . ARG A 1 47 ? -1.832  8.525   7.662   1.00 22.13  ? 143 ARG A NH2 1 
ATOM   247 N  N   . THR A 1 48 ? -1.114  8.700   0.806   1.00 7.51   ? 144 THR A N   1 
ATOM   248 C  CA  . THR A 1 48 ? -2.093  7.880   0.106   1.00 8.38   ? 144 THR A CA  1 
ATOM   249 C  C   . THR A 1 48 ? -2.883  7.113   1.129   1.00 6.62   ? 144 THR A C   1 
ATOM   250 O  O   . THR A 1 48 ? -2.297  6.385   1.955   1.00 9.58   ? 144 THR A O   1 
ATOM   251 C  CB  . THR A 1 48 ? -1.405  6.844   -0.833  1.00 9.29   ? 144 THR A CB  1 
ATOM   252 O  OG1 . THR A 1 48 ? -0.536  7.530   -1.763  1.00 11.23  ? 144 THR A OG1 1 
ATOM   253 C  CG2 . THR A 1 48 ? -2.467  6.114   -1.641  1.00 10.24  ? 144 THR A CG2 1 
ATOM   254 N  N   . THR A 1 49 ? -4.207  7.149   0.983   1.00 7.23   ? 145 THR A N   1 
ATOM   255 C  CA  . THR A 1 49 ? -5.082  6.453   1.955   1.00 7.35   ? 145 THR A CA  1 
ATOM   256 C  C   . THR A 1 49 ? -5.967  5.482   1.218   1.00 7.23   ? 145 THR A C   1 
ATOM   257 O  O   . THR A 1 49 ? -6.631  5.868   0.247   1.00 8.69   ? 145 THR A O   1 
ATOM   258 C  CB  . THR A 1 49 ? -5.966  7.479   2.679   1.00 8.33   ? 145 THR A CB  1 
ATOM   259 O  OG1 . THR A 1 49 ? -5.132  8.341   3.415   1.00 10.02  ? 145 THR A OG1 1 
ATOM   260 C  CG2 . THR A 1 49 ? -6.896  6.800   3.681   1.00 9.57   ? 145 THR A CG2 1 
ATOM   261 N  N   . PHE A 1 50 ? -5.950  4.227   1.686   1.00 8.40   ? 146 PHE A N   1 
ATOM   262 C  CA  . PHE A 1 50 ? -6.869  3.182   1.218   1.00 8.72   ? 146 PHE A CA  1 
ATOM   263 C  C   . PHE A 1 50 ? -7.949  2.981   2.268   1.00 7.31   ? 146 PHE A C   1 
ATOM   264 O  O   . PHE A 1 50 ? -7.656  2.660   3.408   1.00 10.31  ? 146 PHE A O   1 
ATOM   265 C  CB  . PHE A 1 50 ? -6.099  1.858   1.000   1.00 7.36   ? 146 PHE A CB  1 
ATOM   266 C  CG  . PHE A 1 50 ? -5.022  1.975   -0.040  1.00 6.93   ? 146 PHE A CG  1 
ATOM   267 C  CD1 . PHE A 1 50 ? -5.359  1.838   -1.416  1.00 7.28   ? 146 PHE A CD1 1 
ATOM   268 C  CD2 . PHE A 1 50 ? -3.721  2.356   0.305   1.00 8.50   ? 146 PHE A CD2 1 
ATOM   269 C  CE1 . PHE A 1 50 ? -4.422  1.992   -2.411  1.00 8.26   ? 146 PHE A CE1 1 
ATOM   270 C  CE2 . PHE A 1 50 ? -2.747  2.583   -0.713  1.00 9.40   ? 146 PHE A CE2 1 
ATOM   271 C  CZ  . PHE A 1 50 ? -3.097  2.402   -2.068  1.00 7.14   ? 146 PHE A CZ  1 
ATOM   272 N  N   . THR A 1 51 ? -9.197  3.088   1.859   1.00 10.11  ? 147 THR A N   1 
ATOM   273 C  CA  . THR A 1 51 ? -10.284 2.992   2.866   1.00 11.37  ? 147 THR A CA  1 
ATOM   274 C  C   . THR A 1 51 ? -10.607 1.580   3.225   1.00 11.96  ? 147 THR A C   1 
ATOM   275 O  O   . THR A 1 51 ? -11.276 1.344   4.256   1.00 13.19  ? 147 THR A O   1 
ATOM   276 C  CB  . THR A 1 51 ? -11.564 3.690   2.387   1.00 10.63  ? 147 THR A CB  1 
ATOM   277 O  OG1 . THR A 1 51 ? -12.101 3.008   1.261   1.00 10.43  ? 147 THR A OG1 1 
ATOM   278 C  CG2 . THR A 1 51 ? -11.296 5.123   2.060   1.00 11.91  ? 147 THR A CG2 1 
ATOM   279 N  N   . GLY A 1 52 ? -10.175 0.643   2.370   1.00 12.31  ? 148 GLY A N   1 
ATOM   280 C  CA  . GLY A 1 52 ? -10.521 -0.729  2.594   1.00 12.24  ? 148 GLY A CA  1 
ATOM   281 C  C   . GLY A 1 52 ? -9.326  -1.610  2.845   1.00 12.04  ? 148 GLY A C   1 
ATOM   282 O  O   . GLY A 1 52 ? -8.305  -1.196  3.375   1.00 10.95  ? 148 GLY A O   1 
ATOM   283 N  N   . ASP A 1 53 ? -9.483  -2.878  2.480   1.00 12.97  ? 149 ASP A N   1 
ATOM   284 C  CA  . ASP A 1 53 ? -8.405  -3.840  2.587   1.00 12.00  ? 149 ASP A CA  1 
ATOM   285 C  C   . ASP A 1 53 ? -7.427  -3.701  1.425   1.00 11.43  ? 149 ASP A C   1 
ATOM   286 O  O   . ASP A 1 53 ? -7.801  -3.192  0.351   1.00 12.14  ? 149 ASP A O   1 
ATOM   287 C  CB  . ASP A 1 53 ? -9.022  -5.231  2.534   1.00 12.12  ? 149 ASP A CB  1 
ATOM   288 C  CG  . ASP A 1 53 ? -9.807  -5.551  3.781   1.00 14.75  ? 149 ASP A CG  1 
ATOM   289 O  OD1 . ASP A 1 53 ? -9.180  -5.756  4.792   1.00 14.03  ? 149 ASP A OD1 1 
ATOM   290 O  OD2 . ASP A 1 53 ? -11.038 -5.552  3.765   1.00 20.84  ? 149 ASP A OD2 1 
ATOM   291 N  N   . VAL A 1 54 ? -6.210  -4.213  1.611   1.00 9.60   ? 150 VAL A N   1 
ATOM   292 C  CA  . VAL A 1 54 ? -5.180  -4.140  0.557   1.00 9.83   ? 150 VAL A CA  1 
ATOM   293 C  C   . VAL A 1 54 ? -4.516  -5.513  0.552   1.00 8.95   ? 150 VAL A C   1 
ATOM   294 O  O   . VAL A 1 54 ? -4.242  -6.059  1.647   1.00 11.55  ? 150 VAL A O   1 
ATOM   295 C  CB  . VAL A 1 54 ? -4.108  -3.071  0.895   1.00 9.97   ? 150 VAL A CB  1 
ATOM   296 C  CG1 . VAL A 1 54 ? -3.013  -3.071  -0.170  1.00 11.48  ? 150 VAL A CG1 1 
ATOM   297 C  CG2 . VAL A 1 54 ? -4.725  -1.696  0.906   1.00 10.15  ? 150 VAL A CG2 1 
ATOM   298 N  N   . GLU A 1 55 ? -4.301  -6.075  -0.628  1.00 8.52   ? 151 GLU A N   1 
ATOM   299 C  CA  . GLU A 1 55 ? -3.423  -7.277  -0.763  1.00 9.12   ? 151 GLU A CA  1 
ATOM   300 C  C   . GLU A 1 55 ? -2.252  -6.933  -1.644  1.00 8.43   ? 151 GLU A C   1 
ATOM   301 O  O   . GLU A 1 55 ? -2.457  -6.360  -2.736  1.00 9.57   ? 151 GLU A O   1 
ATOM   302 C  CB  . GLU A 1 55 ? -4.171  -8.424  -1.415  1.00 10.06  ? 151 GLU A CB  1 
ATOM   303 C  CG  . GLU A 1 55 ? -3.297  -9.638  -1.642  1.00 13.26  ? 151 GLU A CG  1 
ATOM   304 C  CD  . GLU A 1 55 ? -4.042  -10.890 -2.220  1.00 16.83  ? 151 GLU A CD  1 
ATOM   305 O  OE1 . GLU A 1 55 ? -5.186  -10.802 -2.635  1.00 18.92  ? 151 GLU A OE1 1 
ATOM   306 O  OE2 . GLU A 1 55 ? -3.454  -11.987 -2.242  1.00 25.48  ? 151 GLU A OE2 1 
ATOM   307 N  N   . ILE A 1 56 ? -1.031  -7.317  -1.203  1.00 9.82   ? 152 ILE A N   1 
ATOM   308 C  CA  . ILE A 1 56 ? 0.168   -7.199  -2.035  1.00 8.56   ? 152 ILE A CA  1 
ATOM   309 C  C   . ILE A 1 56 ? 0.603   -8.598  -2.382  1.00 9.67   ? 152 ILE A C   1 
ATOM   310 O  O   . ILE A 1 56 ? 0.859   -9.364  -1.474  1.00 11.11  ? 152 ILE A O   1 
ATOM   311 C  CB  . ILE A 1 56 ? 1.264   -6.449  -1.292  1.00 9.46   ? 152 ILE A CB  1 
ATOM   312 C  CG1 . ILE A 1 56 ? 0.733   -5.059  -0.995  1.00 7.63   ? 152 ILE A CG1 1 
ATOM   313 C  CG2 . ILE A 1 56 ? 2.567   -6.324  -2.121  1.00 8.90   ? 152 ILE A CG2 1 
ATOM   314 C  CD1 . ILE A 1 56 ? 1.651   -4.233  -0.058  1.00 8.29   ? 152 ILE A CD1 1 
ATOM   315 N  N   . GLN A 1 57 ? 0.703   -8.884  -3.672  1.00 10.20  ? 153 GLN A N   1 
ATOM   316 C  CA  . GLN A 1 57 ? 0.874   -10.277 -4.133  1.00 13.11  ? 153 GLN A CA  1 
ATOM   317 C  C   . GLN A 1 57 ? 2.316   -10.653 -4.346  1.00 13.93  ? 153 GLN A C   1 
ATOM   318 O  O   . GLN A 1 57 ? 2.616   -11.841 -4.492  1.00 13.04  ? 153 GLN A O   1 
ATOM   319 C  CB  . GLN A 1 57 ? 0.022   -10.572 -5.372  1.00 13.87  ? 153 GLN A CB  1 
ATOM   320 C  CG  . GLN A 1 57 ? -1.488  -10.442 -5.031  1.00 13.92  ? 153 GLN A CG  1 
ATOM   321 C  CD  . GLN A 1 57 ? -2.372  -10.832 -6.166  1.00 17.00  ? 153 GLN A CD  1 
ATOM   322 O  OE1 . GLN A 1 57 ? -1.987  -10.745 -7.329  1.00 18.75  ? 153 GLN A OE1 1 
ATOM   323 N  NE2 . GLN A 1 57 ? -3.570  -11.296 -5.845  1.00 18.87  ? 153 GLN A NE2 1 
ATOM   324 N  N   . LYS A 1 58 ? 3.216   -9.674  -4.350  1.00 13.52  ? 154 LYS A N   1 
ATOM   325 C  CA  . LYS A 1 58 ? 4.637   -10.004 -4.187  1.00 14.25  ? 154 LYS A CA  1 
ATOM   326 C  C   . LYS A 1 58 ? 5.133   -9.452  -2.864  1.00 13.04  ? 154 LYS A C   1 
ATOM   327 O  O   . LYS A 1 58 ? 4.534   -9.707  -1.840  1.00 14.49  ? 154 LYS A O   1 
ATOM   328 C  CB  . LYS A 1 58 ? 5.509   -9.575  -5.391  1.00 14.91  ? 154 LYS A CB  1 
ATOM   329 C  CG  . LYS A 1 58 ? 5.116   -10.101 -6.792  1.00 15.91  ? 154 LYS A CG  1 
ATOM   330 C  CD  . LYS A 1 58 ? 5.432   -11.518 -7.046  1.00 24.79  ? 154 LYS A CD  1 
ATOM   331 C  CE  . LYS A 1 58 ? 4.929   -11.872 -8.443  1.00 29.10  ? 154 LYS A CE  1 
ATOM   332 N  NZ  . LYS A 1 58 ? 5.246   -13.294 -8.794  1.00 36.42  ? 154 LYS A NZ  1 
ATOM   333 N  N   . GLY A 1 59 ? 6.218   -8.680  -2.856  1.00 12.88  ? 155 GLY A N   1 
ATOM   334 C  CA  . GLY A 1 59 ? 6.778   -8.211  -1.603  1.00 13.17  ? 155 GLY A CA  1 
ATOM   335 C  C   . GLY A 1 59 ? 6.473   -6.781  -1.267  1.00 13.00  ? 155 GLY A C   1 
ATOM   336 O  O   . GLY A 1 59 ? 6.013   -6.053  -2.110  1.00 11.54  ? 155 GLY A O   1 
ATOM   337 N  N   . LEU A 1 60 ? 6.809   -6.413  -0.035  1.00 13.10  ? 156 LEU A N   1 
ATOM   338 C  CA  . LEU A 1 60 ? 6.656   -5.079  0.489   1.00 13.79  ? 156 LEU A CA  1 
ATOM   339 C  C   . LEU A 1 60 ? 7.960   -4.582  1.082   1.00 14.14  ? 156 LEU A C   1 
ATOM   340 O  O   . LEU A 1 60 ? 8.595   -5.324  1.857   1.00 17.35  ? 156 LEU A O   1 
ATOM   341 C  CB  . LEU A 1 60 ? 5.552   -5.067  1.553   1.00 12.45  ? 156 LEU A CB  1 
ATOM   342 C  CG  . LEU A 1 60 ? 5.374   -3.747  2.346   1.00 14.41  ? 156 LEU A CG  1 
ATOM   343 C  CD1 . LEU A 1 60 ? 4.853   -2.633  1.444   1.00 11.41  ? 156 LEU A CD1 1 
ATOM   344 C  CD2 . LEU A 1 60 ? 4.399   -3.910  3.522   1.00 14.62  ? 156 LEU A CD2 1 
ATOM   345 N  N   . GLY A 1 61 ? 8.378   -3.386  0.681   1.00 15.27  ? 157 GLY A N   1 
ATOM   346 C  CA  . GLY A 1 61 ? 9.446   -2.634  1.391   1.00 13.78  ? 157 GLY A CA  1 
ATOM   347 C  C   . GLY A 1 61 ? 8.898   -1.332  1.943   1.00 14.66  ? 157 GLY A C   1 
ATOM   348 O  O   . GLY A 1 61 ? 8.192   -0.612  1.242   1.00 14.27  ? 157 GLY A O   1 
ATOM   349 N  N   . VAL A 1 62 ? 9.236   -0.976  3.185   1.00 15.47  ? 158 VAL A N   1 
ATOM   350 C  CA  . VAL A 1 62 ? 8.752   0.291   3.745   1.00 15.24  ? 158 VAL A CA  1 
ATOM   351 C  C   . VAL A 1 62 ? 9.944   1.016   4.350   1.00 16.02  ? 158 VAL A C   1 
ATOM   352 O  O   . VAL A 1 62 ? 10.646  0.435   5.177   1.00 18.74  ? 158 VAL A O   1 
ATOM   353 C  CB  . VAL A 1 62 ? 7.684   0.079   4.832   1.00 14.18  ? 158 VAL A CB  1 
ATOM   354 C  CG1 . VAL A 1 62 ? 7.213   1.429   5.375   1.00 14.67  ? 158 VAL A CG1 1 
ATOM   355 C  CG2 . VAL A 1 62 ? 6.472   -0.701  4.255   1.00 15.26  ? 158 VAL A CG2 1 
ATOM   356 N  N   . LYS A 1 63 ? 10.172  2.255   3.957   1.00 17.70  ? 159 LYS A N   1 
ATOM   357 C  CA  . LYS A 1 63 ? 11.346  2.998   4.481   1.00 19.00  ? 159 LYS A CA  1 
ATOM   358 C  C   . LYS A 1 63 ? 11.147  3.523   5.903   1.00 20.48  ? 159 LYS A C   1 
ATOM   359 O  O   . LYS A 1 63 ? 12.034  3.356   6.777   1.00 21.63  ? 159 LYS A O   1 
ATOM   360 C  CB  . LYS A 1 63 ? 11.754  4.118   3.530   1.00 19.13  ? 159 LYS A CB  1 
ATOM   361 C  CG  . LYS A 1 63 ? 12.225  3.587   2.168   1.00 21.62  ? 159 LYS A CG  1 
ATOM   362 C  CD  . LYS A 1 63 ? 12.595  4.708   1.166   1.00 26.50  ? 159 LYS A CD  1 
ATOM   363 C  CE  . LYS A 1 63 ? 14.030  5.174   1.267   1.00 30.27  ? 159 LYS A CE  1 
ATOM   364 N  NZ  . LYS A 1 63 ? 14.564  5.526   -0.097  1.00 32.55  ? 159 LYS A NZ  1 
ATOM   365 N  N   . GLY A 1 64 ? 10.009  4.153   6.145   1.00 22.59  ? 160 GLY A N   1 
ATOM   366 C  CA  . GLY A 1 64 ? 9.737   4.860   7.415   1.00 23.98  ? 160 GLY A CA  1 
ATOM   367 C  C   . GLY A 1 64 ? 9.152   3.961   8.483   1.00 24.86  ? 160 GLY A C   1 
ATOM   368 O  O   . GLY A 1 64 ? 9.032   2.750   8.303   1.00 26.91  ? 160 GLY A O   1 
ATOM   369 N  N   . LYS A 1 65 ? 8.775   4.550   9.606   1.00 26.61  ? 161 LYS A N   1 
ATOM   370 C  CA  . LYS A 1 65 ? 8.206   3.773   10.719  1.00 27.75  ? 161 LYS A CA  1 
ATOM   371 C  C   . LYS A 1 65 ? 6.801   3.279   10.355  1.00 28.04  ? 161 LYS A C   1 
ATOM   372 O  O   . LYS A 1 65 ? 6.044   4.003   9.699   1.00 28.65  ? 161 LYS A O   1 
ATOM   373 C  CB  . LYS A 1 65 ? 8.161   4.600   11.993  1.00 28.84  ? 161 LYS A CB  1 
ATOM   374 C  CG  . LYS A 1 65 ? 9.521   4.960   12.500  1.00 30.52  ? 161 LYS A CG  1 
ATOM   375 C  CD  . LYS A 1 65 ? 9.470   5.597   13.866  1.00 34.98  ? 161 LYS A CD  1 
ATOM   376 C  CE  . LYS A 1 65 ? 10.863  5.562   14.494  1.00 37.13  ? 161 LYS A CE  1 
ATOM   377 N  NZ  . LYS A 1 65 ? 11.938  6.067   13.552  1.00 40.28  ? 161 LYS A NZ  1 
ATOM   378 N  N   . SER A 1 66 ? 6.470   2.053   10.751  1.00 27.88  ? 162 SER A N   1 
ATOM   379 C  CA  . SER A 1 66 ? 5.140   1.499   10.481  1.00 26.24  ? 162 SER A CA  1 
ATOM   380 C  C   . SER A 1 66 ? 4.411   1.241   11.779  1.00 25.81  ? 162 SER A C   1 
ATOM   381 O  O   . SER A 1 66 ? 5.027   0.715   12.703  1.00 26.16  ? 162 SER A O   1 
ATOM   382 C  CB  . SER A 1 66 ? 5.243   0.174   9.728   1.00 26.82  ? 162 SER A CB  1 
ATOM   383 O  OG  . SER A 1 66 ? 5.989   0.314   8.525   1.00 27.79  ? 162 SER A OG  1 
ATOM   384 N  N   . GLN A 1 67 ? 3.144   1.650   11.872  1.00 23.69  ? 163 GLN A N   1 
ATOM   385 C  CA  . GLN A 1 67 ? 2.270   1.192   12.968  1.00 22.60  ? 163 GLN A CA  1 
ATOM   386 C  C   . GLN A 1 67 ? 1.120   0.346   12.471  1.00 22.26  ? 163 GLN A C   1 
ATOM   387 O  O   . GLN A 1 67 ? 0.387   0.737   11.538  1.00 21.38  ? 163 GLN A O   1 
ATOM   388 C  CB  . GLN A 1 67 ? 1.770   2.333   13.865  1.00 22.65  ? 163 GLN A CB  1 
ATOM   389 C  CG  . GLN A 1 67 ? 0.758   1.826   14.929  1.00 22.68  ? 163 GLN A CG  1 
ATOM   390 C  CD  . GLN A 1 67 ? 0.429   2.843   16.035  1.00 26.35  ? 163 GLN A CD  1 
ATOM   391 O  OE1 . GLN A 1 67 ? 1.315   3.407   16.667  1.00 25.55  ? 163 GLN A OE1 1 
ATOM   392 N  NE2 . GLN A 1 67 ? -0.875  3.043   16.287  1.00 26.92  ? 163 GLN A NE2 1 
ATOM   393 N  N   . PHE A 1 68 ? 0.960   -0.822  13.104  1.00 20.82  ? 164 PHE A N   1 
ATOM   394 C  CA  . PHE A 1 68 ? -0.166  -1.697  12.869  1.00 22.23  ? 164 PHE A CA  1 
ATOM   395 C  C   . PHE A 1 68 ? -1.055  -1.554  14.084  1.00 22.76  ? 164 PHE A C   1 
ATOM   396 O  O   . PHE A 1 68 ? -0.600  -1.828  15.195  1.00 24.72  ? 164 PHE A O   1 
ATOM   397 C  CB  . PHE A 1 68 ? 0.337   -3.127  12.702  1.00 21.64  ? 164 PHE A CB  1 
ATOM   398 C  CG  . PHE A 1 68 ? 1.348   -3.272  11.586  1.00 23.79  ? 164 PHE A CG  1 
ATOM   399 C  CD1 . PHE A 1 68 ? 0.912   -3.471  10.274  1.00 25.44  ? 164 PHE A CD1 1 
ATOM   400 C  CD2 . PHE A 1 68 ? 2.715   -3.201  11.846  1.00 24.10  ? 164 PHE A CD2 1 
ATOM   401 C  CE1 . PHE A 1 68 ? 1.801   -3.600  9.243   1.00 24.96  ? 164 PHE A CE1 1 
ATOM   402 C  CE2 . PHE A 1 68 ? 3.651   -3.332  10.790  1.00 27.84  ? 164 PHE A CE2 1 
ATOM   403 C  CZ  . PHE A 1 68 ? 3.176   -3.510  9.482   1.00 25.39  ? 164 PHE A CZ  1 
ATOM   404 N  N   . ASP A 1 69 ? -2.272  -1.067  13.900  1.00 23.48  ? 165 ASP A N   1 
ATOM   405 C  CA  . ASP A 1 69 ? -3.175  -0.818  15.060  1.00 25.22  ? 165 ASP A CA  1 
ATOM   406 C  C   . ASP A 1 69 ? -3.751  -2.105  15.631  1.00 26.62  ? 165 ASP A C   1 
ATOM   407 O  O   . ASP A 1 69 ? -4.207  -2.132  16.797  1.00 28.08  ? 165 ASP A O   1 
ATOM   408 C  CB  . ASP A 1 69 ? -4.342  0.105   14.696  1.00 23.99  ? 165 ASP A CB  1 
ATOM   409 C  CG  . ASP A 1 69 ? -3.908  1.467   14.255  1.00 22.33  ? 165 ASP A CG  1 
ATOM   410 O  OD1 . ASP A 1 69 ? -2.754  1.879   14.511  1.00 24.85  ? 165 ASP A OD1 1 
ATOM   411 O  OD2 . ASP A 1 69 ? -4.745  2.183   13.648  1.00 23.38  ? 165 ASP A OD2 1 
ATOM   412 N  N   . SER A 1 70 ? -3.769  -3.151  14.806  1.00 26.73  ? 166 SER A N   1 
ATOM   413 C  CA  . SER A 1 70 ? -4.317  -4.453  15.176  1.00 27.51  ? 166 SER A CA  1 
ATOM   414 C  C   . SER A 1 70 ? -3.179  -5.473  15.147  1.00 27.48  ? 166 SER A C   1 
ATOM   415 O  O   . SER A 1 70 ? -2.063  -5.128  14.781  1.00 28.36  ? 166 SER A O   1 
ATOM   416 C  CB  . SER A 1 70 ? -5.469  -4.839  14.250  1.00 26.76  ? 166 SER A CB  1 
ATOM   417 O  OG  . SER A 1 70 ? -6.567  -3.945  14.396  1.00 28.69  ? 166 SER A OG  1 
ATOM   418 N  N   . ASN A 1 71 ? -3.426  -6.700  15.581  1.00 28.88  ? 167 ASN A N   1 
ATOM   419 C  CA  . ASN A 1 71 ? -2.371  -7.712  15.559  1.00 29.76  ? 167 ASN A CA  1 
ATOM   420 C  C   . ASN A 1 71 ? -1.868  -7.991  14.148  1.00 30.33  ? 167 ASN A C   1 
ATOM   421 O  O   . ASN A 1 71 ? -2.646  -7.941  13.195  1.00 30.48  ? 167 ASN A O   1 
ATOM   422 C  CB  . ASN A 1 71 ? -2.849  -9.029  16.199  1.00 31.05  ? 167 ASN A CB  1 
ATOM   423 C  CG  . ASN A 1 71 ? -2.955  -8.940  17.702  1.00 30.39  ? 167 ASN A CG  1 
ATOM   424 O  OD1 . ASN A 1 71 ? -2.464  -7.997  18.313  1.00 28.67  ? 167 ASN A OD1 1 
ATOM   425 N  ND2 . ASN A 1 71 ? -3.615  -9.923  18.305  1.00 33.57  ? 167 ASN A ND2 1 
ATOM   426 N  N   . ILE A 1 72 ? -0.575  -8.279  14.038  1.00 30.54  ? 168 ILE A N   1 
ATOM   427 C  CA  . ILE A 1 72 ? 0.018   -8.805  12.798  1.00 30.41  ? 168 ILE A CA  1 
ATOM   428 C  C   . ILE A 1 72 ? 0.238   -10.318 12.933  1.00 31.49  ? 168 ILE A C   1 
ATOM   429 O  O   . ILE A 1 72 ? 0.337   -10.833 14.062  1.00 31.93  ? 168 ILE A O   1 
ATOM   430 C  CB  . ILE A 1 72 ? 1.319   -8.050  12.348  1.00 30.55  ? 168 ILE A CB  1 
ATOM   431 C  CG1 . ILE A 1 72 ? 2.502   -8.261  13.310  1.00 29.63  ? 168 ILE A CG1 1 
ATOM   432 C  CG2 . ILE A 1 72 ? 1.045   -6.587  12.231  1.00 28.42  ? 168 ILE A CG2 1 
ATOM   433 C  CD1 . ILE A 1 72 ? 3.792   -7.569  12.881  1.00 31.29  ? 168 ILE A CD1 1 
ATOM   434 N  N   . THR A 1 73 ? 0.273   -11.017 11.796  1.00 31.65  ? 169 THR A N   1 
ATOM   435 C  CA  . THR A 1 73 ? 0.561   -12.453 11.733  1.00 31.97  ? 169 THR A CA  1 
ATOM   436 C  C   . THR A 1 73 ? 1.642   -12.681 10.709  1.00 32.14  ? 169 THR A C   1 
ATOM   437 O  O   . THR A 1 73 ? 1.545   -12.204 9.568   1.00 31.96  ? 169 THR A O   1 
ATOM   438 C  CB  . THR A 1 73 ? -0.675  -13.284 11.326  1.00 31.48  ? 169 THR A CB  1 
ATOM   439 O  OG1 . THR A 1 73 ? -1.719  -13.115 12.288  1.00 33.70  ? 169 THR A OG1 1 
ATOM   440 C  CG2 . THR A 1 73 ? -0.329  -14.762 11.222  1.00 32.93  ? 169 THR A CG2 1 
ATOM   441 N  N   . ALA A 1 74 ? 2.672   -13.422 11.103  1.00 32.35  ? 170 ALA A N   1 
ATOM   442 C  CA  . ALA A 1 74 ? 3.809   -13.721 10.241  1.00 32.61  ? 170 ALA A CA  1 
ATOM   443 C  C   . ALA A 1 74 ? 4.362   -15.106 10.591  1.00 33.73  ? 170 ALA A C   1 
ATOM   444 O  O   . ALA A 1 74 ? 4.288   -15.500 11.758  1.00 33.28  ? 170 ALA A O   1 
ATOM   445 C  CB  . ALA A 1 74 ? 4.882   -12.672 10.412  1.00 32.58  ? 170 ALA A CB  1 
ATOM   446 N  N   . PRO A 1 75 ? 4.881   -15.851 9.588   1.00 34.58  ? 171 PRO A N   1 
ATOM   447 C  CA  . PRO A 1 75 ? 5.555   -17.131 9.859   1.00 35.97  ? 171 PRO A CA  1 
ATOM   448 C  C   . PRO A 1 75 ? 6.797   -16.937 10.730  1.00 36.86  ? 171 PRO A C   1 
ATOM   449 O  O   . PRO A 1 75 ? 7.078   -17.766 11.608  1.00 37.59  ? 171 PRO A O   1 
ATOM   450 C  CB  . PRO A 1 75 ? 5.950   -17.636 8.472   1.00 35.43  ? 171 PRO A CB  1 
ATOM   451 C  CG  . PRO A 1 75 ? 5.824   -16.450 7.564   1.00 35.21  ? 171 PRO A CG  1 
ATOM   452 C  CD  . PRO A 1 75 ? 4.771   -15.596 8.142   1.00 34.71  ? 171 PRO A CD  1 
ATOM   453 N  N   . ASP A 1 76 ? 7.524   -15.852 10.486  1.00 37.77  ? 172 ASP A N   1 
ATOM   454 C  CA  . ASP A 1 76 ? 8.661   -15.466 11.309  1.00 38.41  ? 172 ASP A CA  1 
ATOM   455 C  C   . ASP A 1 76 ? 8.918   -13.969 11.160  1.00 38.89  ? 172 ASP A C   1 
ATOM   456 O  O   . ASP A 1 76 ? 8.526   -13.359 10.161  1.00 38.44  ? 172 ASP A O   1 
ATOM   457 C  CB  . ASP A 1 76 ? 9.925   -16.251 10.921  1.00 38.83  ? 172 ASP A CB  1 
ATOM   458 C  CG  . ASP A 1 76 ? 10.976  -16.283 12.041  1.00 38.67  ? 172 ASP A CG  1 
ATOM   459 O  OD1 . ASP A 1 76 ? 10.771  -15.651 13.097  1.00 41.46  ? 172 ASP A OD1 1 
ATOM   460 O  OD2 . ASP A 1 76 ? 12.019  -16.939 11.868  1.00 38.92  ? 172 ASP A OD2 1 
ATOM   461 N  N   . ALA A 1 77 ? 9.576   -13.386 12.158  1.00 38.98  ? 173 ALA A N   1 
ATOM   462 C  CA  . ALA A 1 77 ? 9.982   -11.989 12.108  1.00 39.81  ? 173 ALA A CA  1 
ATOM   463 C  C   . ALA A 1 77 ? 11.479  -11.881 12.399  1.00 40.42  ? 173 ALA A C   1 
ATOM   464 O  O   . ALA A 1 77 ? 11.915  -12.179 13.498  1.00 40.35  ? 173 ALA A O   1 
ATOM   465 C  CB  . ALA A 1 77 ? 9.165   -11.162 13.094  1.00 39.80  ? 173 ALA A CB  1 
ATOM   466 N  N   . ILE A 1 78 ? 12.262  -11.465 11.408  1.00 41.17  ? 174 ILE A N   1 
ATOM   467 C  CA  . ILE A 1 78 ? 13.720  -11.381 11.571  1.00 41.91  ? 174 ILE A CA  1 
ATOM   468 C  C   . ILE A 1 78 ? 14.136  -10.016 12.134  1.00 42.97  ? 174 ILE A C   1 
ATOM   469 O  O   . ILE A 1 78 ? 14.328  -9.049  11.382  1.00 43.28  ? 174 ILE A O   1 
ATOM   470 C  CB  . ILE A 1 78 ? 14.473  -11.717 10.257  1.00 41.64  ? 174 ILE A CB  1 
ATOM   471 C  CG1 . ILE A 1 78 ? 13.890  -12.966 9.573   1.00 41.47  ? 174 ILE A CG1 1 
ATOM   472 C  CG2 . ILE A 1 78 ? 15.960  -11.862 10.504  1.00 41.53  ? 174 ILE A CG2 1 
ATOM   473 C  CD1 . ILE A 1 78 ? 13.804  -14.225 10.434  1.00 42.41  ? 174 ILE A CD1 1 
ATOM   474 N  N   . ILE A 1 79 ? 14.275  -9.957  13.464  1.00 43.79  ? 175 ILE A N   1 
ATOM   475 C  CA  . ILE A 1 79 ? 14.492  -8.713  14.216  1.00 45.10  ? 175 ILE A CA  1 
ATOM   476 C  C   . ILE A 1 79 ? 15.972  -8.437  14.487  1.00 46.00  ? 175 ILE A C   1 
ATOM   477 O  O   . ILE A 1 79 ? 16.655  -9.260  15.091  1.00 46.68  ? 175 ILE A O   1 
ATOM   478 C  CB  . ILE A 1 79 ? 13.705  -8.712  15.568  1.00 44.98  ? 175 ILE A CB  1 
ATOM   479 C  CG1 . ILE A 1 79 ? 12.204  -8.993  15.358  1.00 44.97  ? 175 ILE A CG1 1 
ATOM   480 C  CG2 . ILE A 1 79 ? 13.929  -7.412  16.342  1.00 45.18  ? 175 ILE A CG2 1 
ATOM   481 C  CD1 . ILE A 1 79 ? 11.488  -8.047  14.393  1.00 44.82  ? 175 ILE A CD1 1 
ATOM   482 N  N   . ASN A 1 80 ? 16.450  -7.274  14.042  1.00 46.76  ? 176 ASN A N   1 
ATOM   483 C  CA  . ASN A 1 80 ? 17.875  -6.933  14.062  1.00 47.58  ? 176 ASN A CA  1 
ATOM   484 C  C   . ASN A 1 80 ? 18.763  -8.102  13.628  1.00 47.91  ? 176 ASN A C   1 
ATOM   485 O  O   . ASN A 1 80 ? 19.830  -8.329  14.196  1.00 48.22  ? 176 ASN A O   1 
ATOM   486 C  CB  . ASN A 1 80 ? 18.294  -6.407  15.446  1.00 47.72  ? 176 ASN A CB  1 
ATOM   487 C  CG  . ASN A 1 80 ? 19.716  -5.830  15.464  1.00 48.69  ? 176 ASN A CG  1 
ATOM   488 O  OD1 . ASN A 1 80 ? 20.355  -5.661  14.419  1.00 48.32  ? 176 ASN A OD1 1 
ATOM   489 N  ND2 . ASN A 1 80 ? 20.212  -5.523  16.668  1.00 49.22  ? 176 ASN A ND2 1 
ATOM   490 N  N   . GLY A 1 81 ? 18.309  -8.855  12.630  1.00 48.14  ? 177 GLY A N   1 
ATOM   491 C  CA  . GLY A 1 81 ? 19.080  -9.974  12.101  1.00 48.51  ? 177 GLY A CA  1 
ATOM   492 C  C   . GLY A 1 81 ? 18.865  -11.303 12.801  1.00 48.95  ? 177 GLY A C   1 
ATOM   493 O  O   . GLY A 1 81 ? 19.479  -12.315 12.428  1.00 49.18  ? 177 GLY A O   1 
ATOM   494 N  N   . LYS A 1 82 ? 17.977  -11.309 13.791  1.00 49.24  ? 178 LYS A N   1 
ATOM   495 C  CA  . LYS A 1 82 ? 17.706  -12.490 14.600  1.00 50.05  ? 178 LYS A CA  1 
ATOM   496 C  C   . LYS A 1 82 ? 16.303  -13.053 14.392  1.00 50.24  ? 178 LYS A C   1 
ATOM   497 O  O   . LYS A 1 82 ? 15.338  -12.302 14.354  1.00 50.75  ? 178 LYS A O   1 
ATOM   498 C  CB  . LYS A 1 82 ? 17.877  -12.139 16.078  1.00 50.23  ? 178 LYS A CB  1 
ATOM   499 C  CG  . LYS A 1 82 ? 19.302  -11.813 16.507  1.00 50.36  ? 178 LYS A CG  1 
ATOM   500 C  CD  . LYS A 1 82 ? 19.300  -11.192 17.883  1.00 50.52  ? 178 LYS A CD  1 
ATOM   501 C  CE  . LYS A 1 82 ? 18.999  -9.715  17.816  1.00 51.49  ? 178 LYS A CE  1 
ATOM   502 N  NZ  . LYS A 1 82 ? 18.047  -9.306  18.880  1.00 53.73  ? 178 LYS A NZ  1 
ATOM   503 N  N   . SER A 1 83 ? 16.192  -14.376 14.292  1.00 50.56  ? 179 SER A N   1 
ATOM   504 C  CA  . SER A 1 83 ? 14.896  -15.069 14.204  1.00 50.44  ? 179 SER A CA  1 
ATOM   505 C  C   . SER A 1 83 ? 14.068  -14.908 15.478  1.00 50.73  ? 179 SER A C   1 
ATOM   506 O  O   . SER A 1 83 ? 14.618  -14.889 16.570  1.00 50.88  ? 179 SER A O   1 
ATOM   507 C  CB  . SER A 1 83 ? 15.114  -16.552 13.910  1.00 50.52  ? 179 SER A CB  1 
ATOM   508 O  OG  . SER A 1 83 ? 13.892  -17.270 13.926  1.00 49.80  ? 179 SER A OG  1 
ATOM   509 N  N   . THR A 1 84 ? 12.751  -14.785 15.333  1.00 50.84  ? 180 THR A N   1 
ATOM   510 C  CA  . THR A 1 84 ? 11.842  -14.626 16.478  1.00 51.17  ? 180 THR A CA  1 
ATOM   511 C  C   . THR A 1 84 ? 11.165  -15.955 16.819  1.00 51.90  ? 180 THR A C   1 
ATOM   512 O  O   . THR A 1 84 ? 10.890  -16.242 17.985  1.00 51.97  ? 180 THR A O   1 
ATOM   513 C  CB  . THR A 1 84 ? 10.765  -13.513 16.227  1.00 50.93  ? 180 THR A CB  1 
ATOM   514 O  OG1 . THR A 1 84 ? 11.399  -12.228 16.132  1.00 50.08  ? 180 THR A OG1 1 
ATOM   515 C  CG2 . THR A 1 84 ? 9.729   -13.462 17.353  1.00 50.74  ? 180 THR A CG2 1 
ATOM   516 N  N   . ASP A 1 85 ? 10.891  -16.744 15.784  1.00 52.59  ? 181 ASP A N   1 
ATOM   517 C  CA  . ASP A 1 85 ? 10.355  -18.100 15.911  1.00 53.57  ? 181 ASP A CA  1 
ATOM   518 C  C   . ASP A 1 85 ? 11.336  -19.035 16.653  1.00 54.36  ? 181 ASP A C   1 
ATOM   519 O  O   . ASP A 1 85 ? 10.921  -19.982 17.328  1.00 54.45  ? 181 ASP A O   1 
ATOM   520 C  CB  . ASP A 1 85 ? 10.055  -18.648 14.503  1.00 53.37  ? 181 ASP A CB  1 
ATOM   521 C  CG  . ASP A 1 85 ? 9.439   -20.038 14.513  1.00 53.17  ? 181 ASP A CG  1 
ATOM   522 O  OD1 . ASP A 1 85 ? 8.605   -20.331 15.397  1.00 53.06  ? 181 ASP A OD1 1 
ATOM   523 O  OD2 . ASP A 1 85 ? 9.777   -20.833 13.608  1.00 52.54  ? 181 ASP A OD2 1 
ATOM   524 N  N   . LYS A 1 86 ? 12.631  -18.746 16.528  1.00 55.17  ? 182 LYS A N   1 
ATOM   525 C  CA  . LYS A 1 86 ? 13.688  -19.666 16.943  1.00 55.94  ? 182 LYS A CA  1 
ATOM   526 C  C   . LYS A 1 86 ? 14.723  -19.065 17.907  1.00 56.44  ? 182 LYS A C   1 
ATOM   527 O  O   . LYS A 1 86 ? 15.786  -19.658 18.115  1.00 56.82  ? 182 LYS A O   1 
ATOM   528 C  CB  . LYS A 1 86 ? 14.406  -20.220 15.701  1.00 55.85  ? 182 LYS A CB  1 
ATOM   529 C  CG  . LYS A 1 86 ? 13.594  -21.218 14.876  1.00 56.35  ? 182 LYS A CG  1 
ATOM   530 C  CD  . LYS A 1 86 ? 14.359  -21.682 13.647  1.00 57.49  ? 182 LYS A CD  1 
ATOM   531 C  CE  . LYS A 1 86 ? 14.375  -20.615 12.551  1.00 58.96  ? 182 LYS A CE  1 
ATOM   532 N  NZ  . LYS A 1 86 ? 15.380  -20.901 11.482  1.00 59.08  ? 182 LYS A NZ  1 
ATOM   533 N  N   . HIS A 1 87 ? 14.423  -17.911 18.498  1.00 56.82  ? 183 HIS A N   1 
ATOM   534 C  CA  . HIS A 1 87 ? 15.378  -17.242 19.386  1.00 57.13  ? 183 HIS A CA  1 
ATOM   535 C  C   . HIS A 1 87 ? 15.491  -17.894 20.772  1.00 57.34  ? 183 HIS A C   1 
ATOM   536 O  O   . HIS A 1 87 ? 14.488  -18.193 21.429  1.00 57.27  ? 183 HIS A O   1 
ATOM   537 C  CB  . HIS A 1 87 ? 15.067  -15.747 19.501  1.00 57.05  ? 183 HIS A CB  1 
ATOM   538 C  CG  . HIS A 1 87 ? 13.875  -15.427 20.347  1.00 57.18  ? 183 HIS A CG  1 
ATOM   539 N  ND1 . HIS A 1 87 ? 12.636  -15.992 20.140  1.00 57.54  ? 183 HIS A ND1 1 
ATOM   540 C  CD2 . HIS A 1 87 ? 13.728  -14.575 21.388  1.00 57.83  ? 183 HIS A CD2 1 
ATOM   541 C  CE1 . HIS A 1 87 ? 11.780  -15.515 21.026  1.00 57.75  ? 183 HIS A CE1 1 
ATOM   542 N  NE2 . HIS A 1 87 ? 12.419  -14.655 21.799  1.00 57.82  ? 183 HIS A NE2 1 
HETATM 543 PT PT  . PT  B 2 .  ? 9.449   9.041   8.901   1.00 142.96 ? 201 PT  A PT  1 
HETATM 544 FE FE  . FE  C 3 .  ? 12.410  -15.031 23.790  0.33 25.03  ? 202 FE  A FE  1 
HETATM 545 O  O   . HOH D 4 .  ? -8.849  -0.584  -0.296  1.00 11.08  ? 301 HOH A O   1 
HETATM 546 O  O   . HOH D 4 .  ? -4.604  10.481  1.733   1.00 11.64  ? 302 HOH A O   1 
HETATM 547 O  O   . HOH D 4 .  ? 9.046   -3.908  -14.229 0.50 8.79   ? 303 HOH A O   1 
HETATM 548 O  O   . HOH D 4 .  ? -5.810  -8.654  1.920   1.00 26.04  ? 304 HOH A O   1 
HETATM 549 O  O   . HOH D 4 .  ? -12.678 2.884   5.963   1.00 27.48  ? 305 HOH A O   1 
HETATM 550 O  O   . HOH D 4 .  ? 4.896   14.036  -2.858  1.00 32.51  ? 306 HOH A O   1 
HETATM 551 O  O   . HOH D 4 .  ? -4.658  8.980   5.849   1.00 26.31  ? 307 HOH A O   1 
HETATM 552 O  O   . HOH D 4 .  ? 19.161  -14.274 20.832  1.00 38.24  ? 308 HOH A O   1 
HETATM 553 O  O   . HOH D 4 .  ? -5.499  -13.010 -7.508  1.00 28.35  ? 309 HOH A O   1 
HETATM 554 O  O   . HOH D 4 .  ? 4.516   -6.819  -16.855 1.00 32.21  ? 310 HOH A O   1 
HETATM 555 O  O   . HOH D 4 .  ? 8.240   -4.963  -17.259 1.00 27.02  ? 311 HOH A O   1 
# 
